data_1QL5
# 
_entry.id   1QL5 
# 
_audit_conform.dict_name       mmcif_pdbx.dic 
_audit_conform.dict_version    5.392 
_audit_conform.dict_location   http://mmcif.pdb.org/dictionaries/ascii/mmcif_pdbx.dic 
# 
loop_
_database_2.database_id 
_database_2.database_code 
_database_2.pdbx_database_accession 
_database_2.pdbx_DOI 
PDB   1QL5         pdb_00001ql5 10.2210/pdb1ql5/pdb 
PDBE  EBI-2968     ?            ?                   
WWPDB D_1290002968 ?            ?                   
BMRB  4412         ?            10.13018/BMR4412    
# 
loop_
_pdbx_audit_revision_history.ordinal 
_pdbx_audit_revision_history.data_content_type 
_pdbx_audit_revision_history.major_revision 
_pdbx_audit_revision_history.minor_revision 
_pdbx_audit_revision_history.revision_date 
1 'Structure model' 1 0 2000-04-10 
2 'Structure model' 1 1 2012-02-22 
3 'Structure model' 1 2 2020-01-15 
4 'Structure model' 1 3 2024-05-15 
# 
_pdbx_audit_revision_details.ordinal             1 
_pdbx_audit_revision_details.revision_ordinal    1 
_pdbx_audit_revision_details.data_content_type   'Structure model' 
_pdbx_audit_revision_details.provider            repository 
_pdbx_audit_revision_details.type                'Initial release' 
_pdbx_audit_revision_details.description         ? 
_pdbx_audit_revision_details.details             ? 
# 
loop_
_pdbx_audit_revision_group.ordinal 
_pdbx_audit_revision_group.revision_ordinal 
_pdbx_audit_revision_group.data_content_type 
_pdbx_audit_revision_group.group 
1 2 'Structure model' 'Database references'       
2 2 'Structure model' 'Derived calculations'      
3 2 'Structure model' 'Version format compliance' 
4 3 'Structure model' 'Derived calculations'      
5 3 'Structure model' Other                       
6 4 'Structure model' 'Data collection'           
7 4 'Structure model' 'Database references'       
# 
loop_
_pdbx_audit_revision_category.ordinal 
_pdbx_audit_revision_category.revision_ordinal 
_pdbx_audit_revision_category.data_content_type 
_pdbx_audit_revision_category.category 
1 3 'Structure model' pdbx_database_status 
2 3 'Structure model' struct_conn          
3 4 'Structure model' chem_comp_atom       
4 4 'Structure model' chem_comp_bond       
5 4 'Structure model' database_2           
# 
loop_
_pdbx_audit_revision_item.ordinal 
_pdbx_audit_revision_item.revision_ordinal 
_pdbx_audit_revision_item.data_content_type 
_pdbx_audit_revision_item.item 
1 3 'Structure model' '_pdbx_database_status.status_code_cs' 
2 3 'Structure model' '_struct_conn.pdbx_leaving_atom_flag'  
3 4 'Structure model' '_database_2.pdbx_DOI'                 
4 4 'Structure model' '_database_2.pdbx_database_accession'  
# 
_pdbx_database_status.status_code                     REL 
_pdbx_database_status.entry_id                        1QL5 
_pdbx_database_status.deposit_site                    PDBE 
_pdbx_database_status.process_site                    PDBE 
_pdbx_database_status.SG_entry                        . 
_pdbx_database_status.recvd_initial_deposition_date   1999-08-24 
_pdbx_database_status.pdb_format_compatible           Y 
_pdbx_database_status.methods_development_category    ? 
_pdbx_database_status.status_code_sf                  ? 
_pdbx_database_status.status_code_mr                  ? 
_pdbx_database_status.status_code_cs                  REL 
_pdbx_database_status.status_code_nmr_data            ? 
# 
_pdbx_database_related.db_id          4412 
_pdbx_database_related.details        . 
_pdbx_database_related.db_name        BMRB 
_pdbx_database_related.content_type   unspecified 
# 
loop_
_audit_author.name 
_audit_author.pdbx_ordinal 
_audit_author.identifier_ORCID 
'Lee, J.-H.'   1 ? 
'Hwang, G.-S.' 2 ? 
'Choi, B.-S.'  3 ? 
# 
_citation.id                        primary 
_citation.title                     
;Solution Structure of a DNA Decamer Duplex Containing the 3' T.T Base Pair of the Cis-Syn Cyclobutane Pyrimidine Dimer: Implication for the Mutagenic Property of the Cis-Syn Dimer.
;
_citation.journal_abbrev            'Nucleic Acids Res.' 
_citation.journal_volume            28 
_citation.page_first                1794 
_citation.page_last                 ? 
_citation.year                      2000 
_citation.journal_id_ASTM           NARHAD 
_citation.country                   UK 
_citation.journal_id_ISSN           0305-1048 
_citation.journal_id_CSD            0389 
_citation.book_publisher            ? 
_citation.pdbx_database_id_PubMed   10734199 
_citation.pdbx_database_id_DOI      10.1093/NAR/28.8.1794 
# 
loop_
_citation_author.citation_id 
_citation_author.name 
_citation_author.ordinal 
_citation_author.identifier_ORCID 
primary 'Lee, J.-H.'  1 ? 
primary 'Choi, Y.-J.' 2 ? 
primary 'Choi, B.-S.' 3 ? 
# 
loop_
_entity.id 
_entity.type 
_entity.src_method 
_entity.pdbx_description 
_entity.formula_weight 
_entity.pdbx_number_of_molecules 
_entity.pdbx_ec 
_entity.pdbx_mutation 
_entity.pdbx_fragment 
_entity.details 
1 polymer syn 
;DNA (5'-D(*CP*GP*CP*AP*TP*+TP*AP*CP*GP*C)- 3')
;
3009.013 1 ? ? ? 'CYCLOBUTANE RING FORMED BETWEEN C5-C6(T5) AND C5-C6(T6) DOUBLE BONDS' 
2 polymer syn 
;DNA (5'-D(*GP*CP*GP*TP*TP*AP*TP*GP*CP*G)-3')
;
3076.015 1 ? ? ? ?                                                                      
# 
loop_
_entity_poly.entity_id 
_entity_poly.type 
_entity_poly.nstd_linkage 
_entity_poly.nstd_monomer 
_entity_poly.pdbx_seq_one_letter_code 
_entity_poly.pdbx_seq_one_letter_code_can 
_entity_poly.pdbx_strand_id 
_entity_poly.pdbx_target_identifier 
1 polydeoxyribonucleotide no yes '(DC)(DG)(DC)(DA)(PBT)(PBT)(DA)(DC)(DG)(DC)' CGCANNACGC A ? 
2 polydeoxyribonucleotide no no  '(DG)(DC)(DG)(DT)(DT)(DA)(DT)(DG)(DC)(DG)'   GCGTTATGCG B ? 
# 
loop_
_entity_poly_seq.entity_id 
_entity_poly_seq.num 
_entity_poly_seq.mon_id 
_entity_poly_seq.hetero 
1 1  DC  n 
1 2  DG  n 
1 3  DC  n 
1 4  DA  n 
1 5  PBT n 
1 6  PBT n 
1 7  DA  n 
1 8  DC  n 
1 9  DG  n 
1 10 DC  n 
2 1  DG  n 
2 2  DC  n 
2 3  DG  n 
2 4  DT  n 
2 5  DT  n 
2 6  DA  n 
2 7  DT  n 
2 8  DG  n 
2 9  DC  n 
2 10 DG  n 
# 
loop_
_chem_comp.id 
_chem_comp.type 
_chem_comp.mon_nstd_flag 
_chem_comp.name 
_chem_comp.pdbx_synonyms 
_chem_comp.formula 
_chem_comp.formula_weight 
DA  'DNA linking' y "2'-DEOXYADENOSINE-5'-MONOPHOSPHATE" ? 'C10 H14 N5 O6 P' 331.222 
DC  'DNA linking' y "2'-DEOXYCYTIDINE-5'-MONOPHOSPHATE" ? 'C9 H14 N3 O7 P'  307.197 
DG  'DNA linking' y "2'-DEOXYGUANOSINE-5'-MONOPHOSPHATE" ? 'C10 H14 N5 O7 P' 347.221 
DT  'DNA linking' y "THYMIDINE-5'-MONOPHOSPHATE" ? 'C10 H15 N2 O8 P' 322.208 
PBT 'DNA linking' . 
'[3-HYDROXY-5-(5-METHYL-2,4-DIOXOTETRAHYDRO-1(2H)-PYRIMIDINYL)TETRAHYDRO-2-FURANYL]METHYL DIHYDROGEN PHOSPHATE' ? 
'C10 H17 N2 O8 P' 324.224 
# 
loop_
_pdbx_poly_seq_scheme.asym_id 
_pdbx_poly_seq_scheme.entity_id 
_pdbx_poly_seq_scheme.seq_id 
_pdbx_poly_seq_scheme.mon_id 
_pdbx_poly_seq_scheme.ndb_seq_num 
_pdbx_poly_seq_scheme.pdb_seq_num 
_pdbx_poly_seq_scheme.auth_seq_num 
_pdbx_poly_seq_scheme.pdb_mon_id 
_pdbx_poly_seq_scheme.auth_mon_id 
_pdbx_poly_seq_scheme.pdb_strand_id 
_pdbx_poly_seq_scheme.pdb_ins_code 
_pdbx_poly_seq_scheme.hetero 
A 1 1  DC  1  1  1  DC  DC  A . n 
A 1 2  DG  2  2  2  DG  DG  A . n 
A 1 3  DC  3  3  3  DC  DC  A . n 
A 1 4  DA  4  4  4  DA  DA  A . n 
A 1 5  PBT 5  5  5  PBT PBT A . n 
A 1 6  PBT 6  6  6  PBT PBT A . n 
A 1 7  DA  7  7  7  DA  DA  A . n 
A 1 8  DC  8  8  8  DC  DC  A . n 
A 1 9  DG  9  9  9  DG  DG  A . n 
A 1 10 DC  10 10 10 DC  DC  A . n 
B 2 1  DG  1  11 11 DG  DG  B . n 
B 2 2  DC  2  12 12 DC  DC  B . n 
B 2 3  DG  3  13 13 DG  DG  B . n 
B 2 4  DT  4  14 14 DT  DT  B . n 
B 2 5  DT  5  15 15 DT  DT  B . n 
B 2 6  DA  6  16 16 DA  DA  B . n 
B 2 7  DT  7  17 17 DT  DT  B . n 
B 2 8  DG  8  18 18 DG  DG  B . n 
B 2 9  DC  9  19 19 DC  DC  B . n 
B 2 10 DG  10 20 20 DG  DG  B . n 
# 
_cell.entry_id           1QL5 
_cell.length_a           1.000 
_cell.length_b           1.000 
_cell.length_c           1.000 
_cell.angle_alpha        90.00 
_cell.angle_beta         90.00 
_cell.angle_gamma        90.00 
_cell.Z_PDB              1 
_cell.pdbx_unique_axis   ? 
# 
_symmetry.entry_id                         1QL5 
_symmetry.space_group_name_H-M             'P 1' 
_symmetry.pdbx_full_space_group_name_H-M   ? 
_symmetry.cell_setting                     ? 
_symmetry.Int_Tables_number                1 
# 
_exptl.entry_id          1QL5 
_exptl.method            'SOLUTION NMR' 
_exptl.crystals_number   ? 
# 
_struct.entry_id                  1QL5 
_struct.title                     'DNA DECAMER DUPLEX CONTAINING T5-T6 PHOTOADDUCT' 
_struct.pdbx_model_details        ? 
_struct.pdbx_CASP_flag            ? 
_struct.pdbx_model_type_details   'MINIMIZED AVERAGE' 
# 
_struct_keywords.entry_id        1QL5 
_struct_keywords.pdbx_keywords   DNA 
_struct_keywords.text            'DNA, DEOXYRIBONUCLEIC ACID, DNA PHOTOPRODUCT, (6-4) ADDUCT, MUTAGENESIS' 
# 
loop_
_struct_asym.id 
_struct_asym.pdbx_blank_PDB_chainid_flag 
_struct_asym.pdbx_modified 
_struct_asym.entity_id 
_struct_asym.details 
A N N 1 ? 
B N N 2 ? 
# 
loop_
_struct_ref.id 
_struct_ref.db_name 
_struct_ref.db_code 
_struct_ref.entity_id 
_struct_ref.pdbx_seq_one_letter_code 
_struct_ref.pdbx_align_begin 
_struct_ref.pdbx_db_accession 
_struct_ref.pdbx_db_isoform 
1 PDB 1QL5 1 ? ? 1QL5 ? 
2 PDB 1QL5 2 ? ? 1QL5 ? 
# 
loop_
_struct_ref_seq.align_id 
_struct_ref_seq.ref_id 
_struct_ref_seq.pdbx_PDB_id_code 
_struct_ref_seq.pdbx_strand_id 
_struct_ref_seq.seq_align_beg 
_struct_ref_seq.pdbx_seq_align_beg_ins_code 
_struct_ref_seq.seq_align_end 
_struct_ref_seq.pdbx_seq_align_end_ins_code 
_struct_ref_seq.pdbx_db_accession 
_struct_ref_seq.db_align_beg 
_struct_ref_seq.pdbx_db_align_beg_ins_code 
_struct_ref_seq.db_align_end 
_struct_ref_seq.pdbx_db_align_end_ins_code 
_struct_ref_seq.pdbx_auth_seq_align_beg 
_struct_ref_seq.pdbx_auth_seq_align_end 
1 1 1QL5 A 1 ? 10 ? 1QL5 1  ? 10 ? 1  10 
2 2 1QL5 B 1 ? 10 ? 1QL5 11 ? 20 ? 11 20 
# 
_pdbx_struct_assembly.id                   1 
_pdbx_struct_assembly.details              software_defined_assembly 
_pdbx_struct_assembly.method_details       PISA 
_pdbx_struct_assembly.oligomeric_details   dimeric 
_pdbx_struct_assembly.oligomeric_count     2 
# 
loop_
_pdbx_struct_assembly_prop.biol_id 
_pdbx_struct_assembly_prop.type 
_pdbx_struct_assembly_prop.value 
_pdbx_struct_assembly_prop.details 
1 'ABSA (A^2)' 2040 ? 
1 MORE         5    ? 
1 'SSA (A^2)'  3620 ? 
# 
_pdbx_struct_assembly_gen.assembly_id       1 
_pdbx_struct_assembly_gen.oper_expression   1 
_pdbx_struct_assembly_gen.asym_id_list      A,B 
# 
_pdbx_struct_oper_list.id                   1 
_pdbx_struct_oper_list.type                 'identity operation' 
_pdbx_struct_oper_list.name                 1_555 
_pdbx_struct_oper_list.symmetry_operation   x,y,z 
_pdbx_struct_oper_list.matrix[1][1]         1.0000000000 
_pdbx_struct_oper_list.matrix[1][2]         0.0000000000 
_pdbx_struct_oper_list.matrix[1][3]         0.0000000000 
_pdbx_struct_oper_list.vector[1]            0.0000000000 
_pdbx_struct_oper_list.matrix[2][1]         0.0000000000 
_pdbx_struct_oper_list.matrix[2][2]         1.0000000000 
_pdbx_struct_oper_list.matrix[2][3]         0.0000000000 
_pdbx_struct_oper_list.vector[2]            0.0000000000 
_pdbx_struct_oper_list.matrix[3][1]         0.0000000000 
_pdbx_struct_oper_list.matrix[3][2]         0.0000000000 
_pdbx_struct_oper_list.matrix[3][3]         1.0000000000 
_pdbx_struct_oper_list.vector[3]            0.0000000000 
# 
loop_
_struct_conn.id 
_struct_conn.conn_type_id 
_struct_conn.pdbx_leaving_atom_flag 
_struct_conn.pdbx_PDB_id 
_struct_conn.ptnr1_label_asym_id 
_struct_conn.ptnr1_label_comp_id 
_struct_conn.ptnr1_label_seq_id 
_struct_conn.ptnr1_label_atom_id 
_struct_conn.pdbx_ptnr1_label_alt_id 
_struct_conn.pdbx_ptnr1_PDB_ins_code 
_struct_conn.pdbx_ptnr1_standard_comp_id 
_struct_conn.ptnr1_symmetry 
_struct_conn.ptnr2_label_asym_id 
_struct_conn.ptnr2_label_comp_id 
_struct_conn.ptnr2_label_seq_id 
_struct_conn.ptnr2_label_atom_id 
_struct_conn.pdbx_ptnr2_label_alt_id 
_struct_conn.pdbx_ptnr2_PDB_ins_code 
_struct_conn.ptnr1_auth_asym_id 
_struct_conn.ptnr1_auth_comp_id 
_struct_conn.ptnr1_auth_seq_id 
_struct_conn.ptnr2_auth_asym_id 
_struct_conn.ptnr2_auth_comp_id 
_struct_conn.ptnr2_auth_seq_id 
_struct_conn.ptnr2_symmetry 
_struct_conn.pdbx_ptnr3_label_atom_id 
_struct_conn.pdbx_ptnr3_label_seq_id 
_struct_conn.pdbx_ptnr3_label_comp_id 
_struct_conn.pdbx_ptnr3_label_asym_id 
_struct_conn.pdbx_ptnr3_label_alt_id 
_struct_conn.pdbx_ptnr3_PDB_ins_code 
_struct_conn.details 
_struct_conn.pdbx_dist_value 
_struct_conn.pdbx_value_order 
_struct_conn.pdbx_role 
covale1  covale both ? A DA  4  "O3'" ? ? ? 1_555 A PBT 5  P  ? ? A DA  4  A PBT 5  1_555 ? ? ? ? ? ? ?            1.597 ? ? 
covale2  covale one  ? A PBT 5  "O3'" ? ? ? 1_555 A PBT 6  P  ? ? A PBT 5  A PBT 6  1_555 ? ? ? ? ? ? ?            1.610 ? ? 
covale3  covale none ? A PBT 5  C5    ? ? ? 1_555 A PBT 6  C5 ? ? A PBT 5  A PBT 6  1_555 ? ? ? ? ? ? ?            1.653 ? ? 
covale4  covale none ? A PBT 5  C6    ? ? ? 1_555 A PBT 6  C6 ? ? A PBT 5  A PBT 6  1_555 ? ? ? ? ? ? ?            1.657 ? ? 
covale5  covale one  ? A PBT 6  "O3'" ? ? ? 1_555 A DA  7  P  ? ? A PBT 6  A DA  7  1_555 ? ? ? ? ? ? ?            1.619 ? ? 
hydrog1  hydrog ?    ? A DC  1  N3    ? ? ? 1_555 B DG  10 N1 ? ? A DC  1  B DG  20 1_555 ? ? ? ? ? ? WATSON-CRICK ?     ? ? 
hydrog2  hydrog ?    ? A DC  1  N4    ? ? ? 1_555 B DG  10 O6 ? ? A DC  1  B DG  20 1_555 ? ? ? ? ? ? WATSON-CRICK ?     ? ? 
hydrog3  hydrog ?    ? A DC  1  O2    ? ? ? 1_555 B DG  10 N2 ? ? A DC  1  B DG  20 1_555 ? ? ? ? ? ? WATSON-CRICK ?     ? ? 
hydrog4  hydrog ?    ? A DG  2  N1    ? ? ? 1_555 B DC  9  N3 ? ? A DG  2  B DC  19 1_555 ? ? ? ? ? ? WATSON-CRICK ?     ? ? 
hydrog5  hydrog ?    ? A DG  2  N2    ? ? ? 1_555 B DC  9  O2 ? ? A DG  2  B DC  19 1_555 ? ? ? ? ? ? WATSON-CRICK ?     ? ? 
hydrog6  hydrog ?    ? A DG  2  O6    ? ? ? 1_555 B DC  9  N4 ? ? A DG  2  B DC  19 1_555 ? ? ? ? ? ? WATSON-CRICK ?     ? ? 
hydrog7  hydrog ?    ? A DC  3  N3    ? ? ? 1_555 B DG  8  N1 ? ? A DC  3  B DG  18 1_555 ? ? ? ? ? ? WATSON-CRICK ?     ? ? 
hydrog8  hydrog ?    ? A DC  3  N4    ? ? ? 1_555 B DG  8  O6 ? ? A DC  3  B DG  18 1_555 ? ? ? ? ? ? WATSON-CRICK ?     ? ? 
hydrog9  hydrog ?    ? A DC  3  O2    ? ? ? 1_555 B DG  8  N2 ? ? A DC  3  B DG  18 1_555 ? ? ? ? ? ? WATSON-CRICK ?     ? ? 
hydrog10 hydrog ?    ? A DA  4  N1    ? ? ? 1_555 B DT  7  N3 ? ? A DA  4  B DT  17 1_555 ? ? ? ? ? ? WATSON-CRICK ?     ? ? 
hydrog11 hydrog ?    ? A DA  4  N6    ? ? ? 1_555 B DT  7  O4 ? ? A DA  4  B DT  17 1_555 ? ? ? ? ? ? WATSON-CRICK ?     ? ? 
hydrog12 hydrog ?    ? A DA  7  N1    ? ? ? 1_555 B DT  4  N3 ? ? A DA  7  B DT  14 1_555 ? ? ? ? ? ? WATSON-CRICK ?     ? ? 
hydrog13 hydrog ?    ? A DA  7  N6    ? ? ? 1_555 B DT  4  O4 ? ? A DA  7  B DT  14 1_555 ? ? ? ? ? ? WATSON-CRICK ?     ? ? 
hydrog14 hydrog ?    ? A DC  8  N3    ? ? ? 1_555 B DG  3  N1 ? ? A DC  8  B DG  13 1_555 ? ? ? ? ? ? WATSON-CRICK ?     ? ? 
hydrog15 hydrog ?    ? A DC  8  N4    ? ? ? 1_555 B DG  3  O6 ? ? A DC  8  B DG  13 1_555 ? ? ? ? ? ? WATSON-CRICK ?     ? ? 
hydrog16 hydrog ?    ? A DC  8  O2    ? ? ? 1_555 B DG  3  N2 ? ? A DC  8  B DG  13 1_555 ? ? ? ? ? ? WATSON-CRICK ?     ? ? 
hydrog17 hydrog ?    ? A DG  9  N1    ? ? ? 1_555 B DC  2  N3 ? ? A DG  9  B DC  12 1_555 ? ? ? ? ? ? WATSON-CRICK ?     ? ? 
hydrog18 hydrog ?    ? A DG  9  N2    ? ? ? 1_555 B DC  2  O2 ? ? A DG  9  B DC  12 1_555 ? ? ? ? ? ? WATSON-CRICK ?     ? ? 
hydrog19 hydrog ?    ? A DG  9  O6    ? ? ? 1_555 B DC  2  N4 ? ? A DG  9  B DC  12 1_555 ? ? ? ? ? ? WATSON-CRICK ?     ? ? 
hydrog20 hydrog ?    ? A DC  10 N3    ? ? ? 1_555 B DG  1  N1 ? ? A DC  10 B DG  11 1_555 ? ? ? ? ? ? WATSON-CRICK ?     ? ? 
hydrog21 hydrog ?    ? A DC  10 N4    ? ? ? 1_555 B DG  1  O6 ? ? A DC  10 B DG  11 1_555 ? ? ? ? ? ? WATSON-CRICK ?     ? ? 
hydrog22 hydrog ?    ? A DC  10 O2    ? ? ? 1_555 B DG  1  N2 ? ? A DC  10 B DG  11 1_555 ? ? ? ? ? ? WATSON-CRICK ?     ? ? 
# 
loop_
_struct_conn_type.id 
_struct_conn_type.criteria 
_struct_conn_type.reference 
covale ? ? 
hydrog ? ? 
# 
_pdbx_validate_close_contact.id               1 
_pdbx_validate_close_contact.PDB_model_num    1 
_pdbx_validate_close_contact.auth_atom_id_1   "HO5'" 
_pdbx_validate_close_contact.auth_asym_id_1   A 
_pdbx_validate_close_contact.auth_comp_id_1   DC 
_pdbx_validate_close_contact.auth_seq_id_1    1 
_pdbx_validate_close_contact.PDB_ins_code_1   ? 
_pdbx_validate_close_contact.label_alt_id_1   ? 
_pdbx_validate_close_contact.auth_atom_id_2   OP1 
_pdbx_validate_close_contact.auth_asym_id_2   A 
_pdbx_validate_close_contact.auth_comp_id_2   DG 
_pdbx_validate_close_contact.auth_seq_id_2    2 
_pdbx_validate_close_contact.PDB_ins_code_2   ? 
_pdbx_validate_close_contact.label_alt_id_2   ? 
_pdbx_validate_close_contact.dist             1.55 
# 
loop_
_pdbx_validate_rmsd_bond.id 
_pdbx_validate_rmsd_bond.PDB_model_num 
_pdbx_validate_rmsd_bond.auth_atom_id_1 
_pdbx_validate_rmsd_bond.auth_asym_id_1 
_pdbx_validate_rmsd_bond.auth_comp_id_1 
_pdbx_validate_rmsd_bond.auth_seq_id_1 
_pdbx_validate_rmsd_bond.PDB_ins_code_1 
_pdbx_validate_rmsd_bond.label_alt_id_1 
_pdbx_validate_rmsd_bond.auth_atom_id_2 
_pdbx_validate_rmsd_bond.auth_asym_id_2 
_pdbx_validate_rmsd_bond.auth_comp_id_2 
_pdbx_validate_rmsd_bond.auth_seq_id_2 
_pdbx_validate_rmsd_bond.PDB_ins_code_2 
_pdbx_validate_rmsd_bond.label_alt_id_2 
_pdbx_validate_rmsd_bond.bond_value 
_pdbx_validate_rmsd_bond.bond_target_value 
_pdbx_validate_rmsd_bond.bond_deviation 
_pdbx_validate_rmsd_bond.bond_standard_deviation 
_pdbx_validate_rmsd_bond.linker_flag 
1 1 N9 B DA 16 ? ? C4 B DA 16 ? ? 1.413 1.374 0.039 0.006 N 
2 1 N1 B DT 17 ? ? C2 B DT 17 ? ? 1.430 1.376 0.054 0.008 N 
# 
loop_
_pdbx_validate_rmsd_angle.id 
_pdbx_validate_rmsd_angle.PDB_model_num 
_pdbx_validate_rmsd_angle.auth_atom_id_1 
_pdbx_validate_rmsd_angle.auth_asym_id_1 
_pdbx_validate_rmsd_angle.auth_comp_id_1 
_pdbx_validate_rmsd_angle.auth_seq_id_1 
_pdbx_validate_rmsd_angle.PDB_ins_code_1 
_pdbx_validate_rmsd_angle.label_alt_id_1 
_pdbx_validate_rmsd_angle.auth_atom_id_2 
_pdbx_validate_rmsd_angle.auth_asym_id_2 
_pdbx_validate_rmsd_angle.auth_comp_id_2 
_pdbx_validate_rmsd_angle.auth_seq_id_2 
_pdbx_validate_rmsd_angle.PDB_ins_code_2 
_pdbx_validate_rmsd_angle.label_alt_id_2 
_pdbx_validate_rmsd_angle.auth_atom_id_3 
_pdbx_validate_rmsd_angle.auth_asym_id_3 
_pdbx_validate_rmsd_angle.auth_comp_id_3 
_pdbx_validate_rmsd_angle.auth_seq_id_3 
_pdbx_validate_rmsd_angle.PDB_ins_code_3 
_pdbx_validate_rmsd_angle.label_alt_id_3 
_pdbx_validate_rmsd_angle.angle_value 
_pdbx_validate_rmsd_angle.angle_target_value 
_pdbx_validate_rmsd_angle.angle_deviation 
_pdbx_validate_rmsd_angle.angle_standard_deviation 
_pdbx_validate_rmsd_angle.linker_flag 
1  1 "O4'" A DC  1  ? ? "C1'" A DC  1  ? ? N1    A DC  1  ? ? 112.64 108.30 4.34  0.30 N 
2  1 N1    A DC  1  ? ? C2    A DC  1  ? ? O2    A DC  1  ? ? 122.59 118.90 3.69  0.60 N 
3  1 "C3'" A DG  2  ? ? "O3'" A DG  2  ? ? P     A DC  3  ? ? 136.57 119.70 16.87 1.20 Y 
4  1 N1    A DC  3  ? ? C2    A DC  3  ? ? O2    A DC  3  ? ? 122.85 118.90 3.95  0.60 N 
5  1 "C3'" A DC  3  ? ? "O3'" A DC  3  ? ? P     A DA  4  ? ? 128.51 119.70 8.81  1.20 Y 
6  1 "C3'" A DA  4  ? ? "O3'" A DA  4  ? ? P     A PBT 5  ? ? 131.48 119.70 11.78 1.20 Y 
7  1 "C3'" A PBT 5  ? ? "O3'" A PBT 5  ? ? P     A PBT 6  ? ? 143.67 119.70 23.97 1.20 Y 
8  1 N1    A DC  8  ? ? C2    A DC  8  ? ? O2    A DC  8  ? ? 122.79 118.90 3.89  0.60 N 
9  1 "C3'" A DC  8  ? ? "O3'" A DC  8  ? ? P     A DG  9  ? ? 129.28 119.70 9.58  1.20 Y 
10 1 "C3'" A DG  9  ? ? "O3'" A DG  9  ? ? P     A DC  10 ? ? 131.61 119.70 11.91 1.20 Y 
11 1 N3    B DG  11 ? ? C2    B DG  11 ? ? N2    B DG  11 ? ? 124.81 119.90 4.91  0.70 N 
12 1 N1    B DC  12 ? ? C2    B DC  12 ? ? O2    B DC  12 ? ? 122.86 118.90 3.96  0.60 N 
13 1 "C3'" B DC  12 ? ? "O3'" B DC  12 ? ? P     B DG  13 ? ? 127.07 119.70 7.37  1.20 Y 
14 1 "O4'" B DG  13 ? ? "C1'" B DG  13 ? ? N9    B DG  13 ? ? 110.50 108.30 2.20  0.30 N 
15 1 C2    B DG  13 ? ? N3    B DG  13 ? ? C4    B DG  13 ? ? 115.53 111.90 3.63  0.50 N 
16 1 "C3'" B DG  13 ? ? "O3'" B DG  13 ? ? P     B DT  14 ? ? 128.63 119.70 8.93  1.20 Y 
17 1 "C3'" B DT  14 ? ? "C2'" B DT  14 ? ? "C1'" B DT  14 ? ? 96.78  102.40 -5.62 0.80 N 
18 1 "O4'" B DT  14 ? ? "C1'" B DT  14 ? ? N1    B DT  14 ? ? 111.94 108.30 3.64  0.30 N 
19 1 "C3'" B DT  14 ? ? "O3'" B DT  14 ? ? P     B DT  15 ? ? 133.15 119.70 13.45 1.20 Y 
20 1 "C3'" B DT  15 ? ? "O3'" B DT  15 ? ? P     B DA  16 ? ? 127.36 119.70 7.66  1.20 Y 
21 1 "C3'" B DA  16 ? ? "O3'" B DA  16 ? ? P     B DT  17 ? ? 132.29 119.70 12.59 1.20 Y 
22 1 C2    B DG  18 ? ? N3    B DG  18 ? ? C4    B DG  18 ? ? 115.21 111.90 3.31  0.50 N 
23 1 "C3'" B DG  18 ? ? "O3'" B DG  18 ? ? P     B DC  19 ? ? 131.29 119.70 11.59 1.20 Y 
24 1 P     B DG  20 ? ? "O5'" B DG  20 ? ? "C5'" B DG  20 ? ? 133.23 120.90 12.33 1.60 N 
# 
_pdbx_validate_chiral.id              1 
_pdbx_validate_chiral.PDB_model_num   1 
_pdbx_validate_chiral.auth_atom_id    C5 
_pdbx_validate_chiral.label_alt_id    ? 
_pdbx_validate_chiral.auth_asym_id    A 
_pdbx_validate_chiral.auth_comp_id    PBT 
_pdbx_validate_chiral.auth_seq_id     5 
_pdbx_validate_chiral.PDB_ins_code    ? 
_pdbx_validate_chiral.details         'WRONG HAND' 
_pdbx_validate_chiral.omega           . 
# 
_pdbx_nmr_ensemble.entry_id                             1QL5 
_pdbx_nmr_ensemble.conformers_calculated_total_number   8 
_pdbx_nmr_ensemble.conformers_submitted_total_number    1 
_pdbx_nmr_ensemble.conformer_selection_criteria         'LEAST RESTRAINT VIOLATION' 
# 
_pdbx_nmr_exptl_sample_conditions.conditions_id          1 
_pdbx_nmr_exptl_sample_conditions.temperature            274.0 
_pdbx_nmr_exptl_sample_conditions.pressure_units         ? 
_pdbx_nmr_exptl_sample_conditions.pressure               ? 
_pdbx_nmr_exptl_sample_conditions.pH                     6.6 
_pdbx_nmr_exptl_sample_conditions.ionic_strength         ? 
_pdbx_nmr_exptl_sample_conditions.ionic_strength_units   ? 
_pdbx_nmr_exptl_sample_conditions.pH_units               pH 
_pdbx_nmr_exptl_sample_conditions.temperature_units      K 
# 
_pdbx_nmr_exptl.experiment_id   1 
_pdbx_nmr_exptl.conditions_id   1 
_pdbx_nmr_exptl.type            NOESY 
_pdbx_nmr_exptl.solution_id     1 
# 
_pdbx_nmr_details.entry_id   1QL5 
_pdbx_nmr_details.text       
;MEAN STRUCTURE. THE STRUCTURE WAS DETERMINED USING SA METHOD WITH DISTANCE RESTRAINTS AND FULL RELAXATION MATRIX REFINEMENT WITH NOE INTENSITY RESTRAINTS OF 50, 80, 160 MS MIXING TIMES
;
# 
_pdbx_nmr_refine.entry_id           1QL5 
_pdbx_nmr_refine.method             'SIMULATED ANNEALING AND FULL RELAXATION MATRIX REFINEMENT' 
_pdbx_nmr_refine.details            
;MISMATCHED BASE PAIRING OF 3'-T OF CIS-SYN DIMER WITH A RESIDUE. REFINEMENT DETAILS CAN BE FOUND IN THE JRNL CITATION ABOVE.
;
_pdbx_nmr_refine.software_ordinal   1 
# 
loop_
_pdbx_nmr_software.classification 
_pdbx_nmr_software.name 
_pdbx_nmr_software.version 
_pdbx_nmr_software.authors 
_pdbx_nmr_software.ordinal 
refinement           X-PLOR 3.1 BRUNGER 1 
'structure solution' X-PLOR ?   ?       2 
# 
loop_
_chem_comp_atom.comp_id 
_chem_comp_atom.atom_id 
_chem_comp_atom.type_symbol 
_chem_comp_atom.pdbx_aromatic_flag 
_chem_comp_atom.pdbx_stereo_config 
_chem_comp_atom.pdbx_ordinal 
DA  OP3    O N N 1   
DA  P      P N N 2   
DA  OP1    O N N 3   
DA  OP2    O N N 4   
DA  "O5'"  O N N 5   
DA  "C5'"  C N N 6   
DA  "C4'"  C N R 7   
DA  "O4'"  O N N 8   
DA  "C3'"  C N S 9   
DA  "O3'"  O N N 10  
DA  "C2'"  C N N 11  
DA  "C1'"  C N R 12  
DA  N9     N Y N 13  
DA  C8     C Y N 14  
DA  N7     N Y N 15  
DA  C5     C Y N 16  
DA  C6     C Y N 17  
DA  N6     N N N 18  
DA  N1     N Y N 19  
DA  C2     C Y N 20  
DA  N3     N Y N 21  
DA  C4     C Y N 22  
DA  HOP3   H N N 23  
DA  HOP2   H N N 24  
DA  "H5'"  H N N 25  
DA  "H5''" H N N 26  
DA  "H4'"  H N N 27  
DA  "H3'"  H N N 28  
DA  "HO3'" H N N 29  
DA  "H2'"  H N N 30  
DA  "H2''" H N N 31  
DA  "H1'"  H N N 32  
DA  H8     H N N 33  
DA  H61    H N N 34  
DA  H62    H N N 35  
DA  H2     H N N 36  
DC  OP3    O N N 37  
DC  P      P N N 38  
DC  OP1    O N N 39  
DC  OP2    O N N 40  
DC  "O5'"  O N N 41  
DC  "C5'"  C N N 42  
DC  "C4'"  C N R 43  
DC  "O4'"  O N N 44  
DC  "C3'"  C N S 45  
DC  "O3'"  O N N 46  
DC  "C2'"  C N N 47  
DC  "C1'"  C N R 48  
DC  N1     N N N 49  
DC  C2     C N N 50  
DC  O2     O N N 51  
DC  N3     N N N 52  
DC  C4     C N N 53  
DC  N4     N N N 54  
DC  C5     C N N 55  
DC  C6     C N N 56  
DC  HOP3   H N N 57  
DC  HOP2   H N N 58  
DC  "H5'"  H N N 59  
DC  "H5''" H N N 60  
DC  "H4'"  H N N 61  
DC  "H3'"  H N N 62  
DC  "HO3'" H N N 63  
DC  "H2'"  H N N 64  
DC  "H2''" H N N 65  
DC  "H1'"  H N N 66  
DC  H41    H N N 67  
DC  H42    H N N 68  
DC  H5     H N N 69  
DC  H6     H N N 70  
DG  OP3    O N N 71  
DG  P      P N N 72  
DG  OP1    O N N 73  
DG  OP2    O N N 74  
DG  "O5'"  O N N 75  
DG  "C5'"  C N N 76  
DG  "C4'"  C N R 77  
DG  "O4'"  O N N 78  
DG  "C3'"  C N S 79  
DG  "O3'"  O N N 80  
DG  "C2'"  C N N 81  
DG  "C1'"  C N R 82  
DG  N9     N Y N 83  
DG  C8     C Y N 84  
DG  N7     N Y N 85  
DG  C5     C Y N 86  
DG  C6     C N N 87  
DG  O6     O N N 88  
DG  N1     N N N 89  
DG  C2     C N N 90  
DG  N2     N N N 91  
DG  N3     N N N 92  
DG  C4     C Y N 93  
DG  HOP3   H N N 94  
DG  HOP2   H N N 95  
DG  "H5'"  H N N 96  
DG  "H5''" H N N 97  
DG  "H4'"  H N N 98  
DG  "H3'"  H N N 99  
DG  "HO3'" H N N 100 
DG  "H2'"  H N N 101 
DG  "H2''" H N N 102 
DG  "H1'"  H N N 103 
DG  H8     H N N 104 
DG  H1     H N N 105 
DG  H21    H N N 106 
DG  H22    H N N 107 
DT  OP3    O N N 108 
DT  P      P N N 109 
DT  OP1    O N N 110 
DT  OP2    O N N 111 
DT  "O5'"  O N N 112 
DT  "C5'"  C N N 113 
DT  "C4'"  C N R 114 
DT  "O4'"  O N N 115 
DT  "C3'"  C N S 116 
DT  "O3'"  O N N 117 
DT  "C2'"  C N N 118 
DT  "C1'"  C N R 119 
DT  N1     N N N 120 
DT  C2     C N N 121 
DT  O2     O N N 122 
DT  N3     N N N 123 
DT  C4     C N N 124 
DT  O4     O N N 125 
DT  C5     C N N 126 
DT  C7     C N N 127 
DT  C6     C N N 128 
DT  HOP3   H N N 129 
DT  HOP2   H N N 130 
DT  "H5'"  H N N 131 
DT  "H5''" H N N 132 
DT  "H4'"  H N N 133 
DT  "H3'"  H N N 134 
DT  "HO3'" H N N 135 
DT  "H2'"  H N N 136 
DT  "H2''" H N N 137 
DT  "H1'"  H N N 138 
DT  H3     H N N 139 
DT  H71    H N N 140 
DT  H72    H N N 141 
DT  H73    H N N 142 
DT  H6     H N N 143 
PBT P      P N N 144 
PBT O1P    O N N 145 
PBT O2P    O N N 146 
PBT O3P    O N N 147 
PBT "O5'"  O N N 148 
PBT "C5'"  C N N 149 
PBT "C4'"  C N R 150 
PBT "O4'"  O N N 151 
PBT "C3'"  C N S 152 
PBT "O3'"  O N N 153 
PBT "C2'"  C N N 154 
PBT "C1'"  C N R 155 
PBT N1     N N N 156 
PBT C2     C N N 157 
PBT O2     O N N 158 
PBT N3     N N N 159 
PBT C4     C N N 160 
PBT O4     O N N 161 
PBT C5     C N R 162 
PBT C5M    C N N 163 
PBT C6     C N N 164 
PBT H1P    H N N 165 
PBT H2P    H N N 166 
PBT "H5'1" H N N 167 
PBT "H5'2" H N N 168 
PBT "H4'"  H N N 169 
PBT "H3'"  H N N 170 
PBT HA     H N N 171 
PBT "H2'1" H N N 172 
PBT "H2'2" H N N 173 
PBT "H1'"  H N N 174 
PBT H3     H N N 175 
PBT H5     H N N 176 
PBT H5M1   H N N 177 
PBT H5M2   H N N 178 
PBT H5M3   H N N 179 
PBT H6C1   H N N 180 
PBT H6C2   H N N 181 
# 
loop_
_chem_comp_bond.comp_id 
_chem_comp_bond.atom_id_1 
_chem_comp_bond.atom_id_2 
_chem_comp_bond.value_order 
_chem_comp_bond.pdbx_aromatic_flag 
_chem_comp_bond.pdbx_stereo_config 
_chem_comp_bond.pdbx_ordinal 
DA  OP3   P      sing N N 1   
DA  OP3   HOP3   sing N N 2   
DA  P     OP1    doub N N 3   
DA  P     OP2    sing N N 4   
DA  P     "O5'"  sing N N 5   
DA  OP2   HOP2   sing N N 6   
DA  "O5'" "C5'"  sing N N 7   
DA  "C5'" "C4'"  sing N N 8   
DA  "C5'" "H5'"  sing N N 9   
DA  "C5'" "H5''" sing N N 10  
DA  "C4'" "O4'"  sing N N 11  
DA  "C4'" "C3'"  sing N N 12  
DA  "C4'" "H4'"  sing N N 13  
DA  "O4'" "C1'"  sing N N 14  
DA  "C3'" "O3'"  sing N N 15  
DA  "C3'" "C2'"  sing N N 16  
DA  "C3'" "H3'"  sing N N 17  
DA  "O3'" "HO3'" sing N N 18  
DA  "C2'" "C1'"  sing N N 19  
DA  "C2'" "H2'"  sing N N 20  
DA  "C2'" "H2''" sing N N 21  
DA  "C1'" N9     sing N N 22  
DA  "C1'" "H1'"  sing N N 23  
DA  N9    C8     sing Y N 24  
DA  N9    C4     sing Y N 25  
DA  C8    N7     doub Y N 26  
DA  C8    H8     sing N N 27  
DA  N7    C5     sing Y N 28  
DA  C5    C6     sing Y N 29  
DA  C5    C4     doub Y N 30  
DA  C6    N6     sing N N 31  
DA  C6    N1     doub Y N 32  
DA  N6    H61    sing N N 33  
DA  N6    H62    sing N N 34  
DA  N1    C2     sing Y N 35  
DA  C2    N3     doub Y N 36  
DA  C2    H2     sing N N 37  
DA  N3    C4     sing Y N 38  
DC  OP3   P      sing N N 39  
DC  OP3   HOP3   sing N N 40  
DC  P     OP1    doub N N 41  
DC  P     OP2    sing N N 42  
DC  P     "O5'"  sing N N 43  
DC  OP2   HOP2   sing N N 44  
DC  "O5'" "C5'"  sing N N 45  
DC  "C5'" "C4'"  sing N N 46  
DC  "C5'" "H5'"  sing N N 47  
DC  "C5'" "H5''" sing N N 48  
DC  "C4'" "O4'"  sing N N 49  
DC  "C4'" "C3'"  sing N N 50  
DC  "C4'" "H4'"  sing N N 51  
DC  "O4'" "C1'"  sing N N 52  
DC  "C3'" "O3'"  sing N N 53  
DC  "C3'" "C2'"  sing N N 54  
DC  "C3'" "H3'"  sing N N 55  
DC  "O3'" "HO3'" sing N N 56  
DC  "C2'" "C1'"  sing N N 57  
DC  "C2'" "H2'"  sing N N 58  
DC  "C2'" "H2''" sing N N 59  
DC  "C1'" N1     sing N N 60  
DC  "C1'" "H1'"  sing N N 61  
DC  N1    C2     sing N N 62  
DC  N1    C6     sing N N 63  
DC  C2    O2     doub N N 64  
DC  C2    N3     sing N N 65  
DC  N3    C4     doub N N 66  
DC  C4    N4     sing N N 67  
DC  C4    C5     sing N N 68  
DC  N4    H41    sing N N 69  
DC  N4    H42    sing N N 70  
DC  C5    C6     doub N N 71  
DC  C5    H5     sing N N 72  
DC  C6    H6     sing N N 73  
DG  OP3   P      sing N N 74  
DG  OP3   HOP3   sing N N 75  
DG  P     OP1    doub N N 76  
DG  P     OP2    sing N N 77  
DG  P     "O5'"  sing N N 78  
DG  OP2   HOP2   sing N N 79  
DG  "O5'" "C5'"  sing N N 80  
DG  "C5'" "C4'"  sing N N 81  
DG  "C5'" "H5'"  sing N N 82  
DG  "C5'" "H5''" sing N N 83  
DG  "C4'" "O4'"  sing N N 84  
DG  "C4'" "C3'"  sing N N 85  
DG  "C4'" "H4'"  sing N N 86  
DG  "O4'" "C1'"  sing N N 87  
DG  "C3'" "O3'"  sing N N 88  
DG  "C3'" "C2'"  sing N N 89  
DG  "C3'" "H3'"  sing N N 90  
DG  "O3'" "HO3'" sing N N 91  
DG  "C2'" "C1'"  sing N N 92  
DG  "C2'" "H2'"  sing N N 93  
DG  "C2'" "H2''" sing N N 94  
DG  "C1'" N9     sing N N 95  
DG  "C1'" "H1'"  sing N N 96  
DG  N9    C8     sing Y N 97  
DG  N9    C4     sing Y N 98  
DG  C8    N7     doub Y N 99  
DG  C8    H8     sing N N 100 
DG  N7    C5     sing Y N 101 
DG  C5    C6     sing N N 102 
DG  C5    C4     doub Y N 103 
DG  C6    O6     doub N N 104 
DG  C6    N1     sing N N 105 
DG  N1    C2     sing N N 106 
DG  N1    H1     sing N N 107 
DG  C2    N2     sing N N 108 
DG  C2    N3     doub N N 109 
DG  N2    H21    sing N N 110 
DG  N2    H22    sing N N 111 
DG  N3    C4     sing N N 112 
DT  OP3   P      sing N N 113 
DT  OP3   HOP3   sing N N 114 
DT  P     OP1    doub N N 115 
DT  P     OP2    sing N N 116 
DT  P     "O5'"  sing N N 117 
DT  OP2   HOP2   sing N N 118 
DT  "O5'" "C5'"  sing N N 119 
DT  "C5'" "C4'"  sing N N 120 
DT  "C5'" "H5'"  sing N N 121 
DT  "C5'" "H5''" sing N N 122 
DT  "C4'" "O4'"  sing N N 123 
DT  "C4'" "C3'"  sing N N 124 
DT  "C4'" "H4'"  sing N N 125 
DT  "O4'" "C1'"  sing N N 126 
DT  "C3'" "O3'"  sing N N 127 
DT  "C3'" "C2'"  sing N N 128 
DT  "C3'" "H3'"  sing N N 129 
DT  "O3'" "HO3'" sing N N 130 
DT  "C2'" "C1'"  sing N N 131 
DT  "C2'" "H2'"  sing N N 132 
DT  "C2'" "H2''" sing N N 133 
DT  "C1'" N1     sing N N 134 
DT  "C1'" "H1'"  sing N N 135 
DT  N1    C2     sing N N 136 
DT  N1    C6     sing N N 137 
DT  C2    O2     doub N N 138 
DT  C2    N3     sing N N 139 
DT  N3    C4     sing N N 140 
DT  N3    H3     sing N N 141 
DT  C4    O4     doub N N 142 
DT  C4    C5     sing N N 143 
DT  C5    C7     sing N N 144 
DT  C5    C6     doub N N 145 
DT  C7    H71    sing N N 146 
DT  C7    H72    sing N N 147 
DT  C7    H73    sing N N 148 
DT  C6    H6     sing N N 149 
PBT P     O1P    sing N N 150 
PBT P     O2P    sing N N 151 
PBT P     O3P    doub N N 152 
PBT P     "O5'"  sing N N 153 
PBT O1P   H1P    sing N N 154 
PBT O2P   H2P    sing N N 155 
PBT "O5'" "C5'"  sing N N 156 
PBT "C5'" "C4'"  sing N N 157 
PBT "C5'" "H5'1" sing N N 158 
PBT "C5'" "H5'2" sing N N 159 
PBT "C4'" "O4'"  sing N N 160 
PBT "C4'" "C3'"  sing N N 161 
PBT "C4'" "H4'"  sing N N 162 
PBT "O4'" "C1'"  sing N N 163 
PBT "C3'" "O3'"  sing N N 164 
PBT "C3'" "C2'"  sing N N 165 
PBT "C3'" "H3'"  sing N N 166 
PBT "O3'" HA     sing N N 167 
PBT "C2'" "C1'"  sing N N 168 
PBT "C2'" "H2'1" sing N N 169 
PBT "C2'" "H2'2" sing N N 170 
PBT "C1'" N1     sing N N 171 
PBT "C1'" "H1'"  sing N N 172 
PBT N1    C2     sing N N 173 
PBT N1    C6     sing N N 174 
PBT C2    O2     doub N N 175 
PBT C2    N3     sing N N 176 
PBT N3    C4     sing N N 177 
PBT N3    H3     sing N N 178 
PBT C4    O4     doub N N 179 
PBT C4    C5     sing N N 180 
PBT C5    C5M    sing N N 181 
PBT C5    C6     sing N N 182 
PBT C5    H5     sing N N 183 
PBT C5M   H5M1   sing N N 184 
PBT C5M   H5M2   sing N N 185 
PBT C5M   H5M3   sing N N 186 
PBT C6    H6C1   sing N N 187 
PBT C6    H6C2   sing N N 188 
# 
loop_
_ndb_struct_conf_na.entry_id 
_ndb_struct_conf_na.feature 
1QL5 'double helix'        
1QL5 'b-form double helix' 
# 
loop_
_ndb_struct_na_base_pair.model_number 
_ndb_struct_na_base_pair.i_label_asym_id 
_ndb_struct_na_base_pair.i_label_comp_id 
_ndb_struct_na_base_pair.i_label_seq_id 
_ndb_struct_na_base_pair.i_symmetry 
_ndb_struct_na_base_pair.j_label_asym_id 
_ndb_struct_na_base_pair.j_label_comp_id 
_ndb_struct_na_base_pair.j_label_seq_id 
_ndb_struct_na_base_pair.j_symmetry 
_ndb_struct_na_base_pair.shear 
_ndb_struct_na_base_pair.stretch 
_ndb_struct_na_base_pair.stagger 
_ndb_struct_na_base_pair.buckle 
_ndb_struct_na_base_pair.propeller 
_ndb_struct_na_base_pair.opening 
_ndb_struct_na_base_pair.pair_number 
_ndb_struct_na_base_pair.pair_name 
_ndb_struct_na_base_pair.i_auth_asym_id 
_ndb_struct_na_base_pair.i_auth_seq_id 
_ndb_struct_na_base_pair.i_PDB_ins_code 
_ndb_struct_na_base_pair.j_auth_asym_id 
_ndb_struct_na_base_pair.j_auth_seq_id 
_ndb_struct_na_base_pair.j_PDB_ins_code 
_ndb_struct_na_base_pair.hbond_type_28 
_ndb_struct_na_base_pair.hbond_type_12 
1 A DC 1  1_555 B DG 10 1_555 0.361  -0.209 0.006  -2.070 -1.929  -4.486 1 A_DC1:DG20_B  A 1  ? B 20 ? 19 1 
1 A DG 2  1_555 B DC 9  1_555 0.333  -0.068 0.581  12.342 -0.952  -4.855 2 A_DG2:DC19_B  A 2  ? B 19 ? 19 1 
1 A DC 3  1_555 B DG 8  1_555 0.046  -0.157 -0.013 2.285  -1.523  -6.116 3 A_DC3:DG18_B  A 3  ? B 18 ? 19 1 
1 A DA 4  1_555 B DT 7  1_555 0.310  -0.087 -0.140 2.955  -13.746 -5.876 4 A_DA4:DT17_B  A 4  ? B 17 ? 20 1 
1 A DA 7  1_555 B DT 4  1_555 -0.013 -0.084 0.123  5.877  -2.649  -0.150 5 A_DA7:DT14_B  A 7  ? B 14 ? 20 1 
1 A DC 8  1_555 B DG 3  1_555 0.038  -0.164 0.207  0.117  7.102   -4.147 6 A_DC8:DG13_B  A 8  ? B 13 ? 19 1 
1 A DG 9  1_555 B DC 2  1_555 -0.051 -0.146 -0.471 1.034  -3.165  -5.516 7 A_DG9:DC12_B  A 9  ? B 12 ? 19 1 
1 A DC 10 1_555 B DG 1  1_555 0.345  -0.182 0.059  -9.696 6.068   -5.256 8 A_DC10:DG11_B A 10 ? B 11 ? 19 1 
# 
loop_
_ndb_struct_na_base_pair_step.model_number 
_ndb_struct_na_base_pair_step.i_label_asym_id_1 
_ndb_struct_na_base_pair_step.i_label_comp_id_1 
_ndb_struct_na_base_pair_step.i_label_seq_id_1 
_ndb_struct_na_base_pair_step.i_symmetry_1 
_ndb_struct_na_base_pair_step.j_label_asym_id_1 
_ndb_struct_na_base_pair_step.j_label_comp_id_1 
_ndb_struct_na_base_pair_step.j_label_seq_id_1 
_ndb_struct_na_base_pair_step.j_symmetry_1 
_ndb_struct_na_base_pair_step.i_label_asym_id_2 
_ndb_struct_na_base_pair_step.i_label_comp_id_2 
_ndb_struct_na_base_pair_step.i_label_seq_id_2 
_ndb_struct_na_base_pair_step.i_symmetry_2 
_ndb_struct_na_base_pair_step.j_label_asym_id_2 
_ndb_struct_na_base_pair_step.j_label_comp_id_2 
_ndb_struct_na_base_pair_step.j_label_seq_id_2 
_ndb_struct_na_base_pair_step.j_symmetry_2 
_ndb_struct_na_base_pair_step.shift 
_ndb_struct_na_base_pair_step.slide 
_ndb_struct_na_base_pair_step.rise 
_ndb_struct_na_base_pair_step.tilt 
_ndb_struct_na_base_pair_step.roll 
_ndb_struct_na_base_pair_step.twist 
_ndb_struct_na_base_pair_step.x_displacement 
_ndb_struct_na_base_pair_step.y_displacement 
_ndb_struct_na_base_pair_step.helical_rise 
_ndb_struct_na_base_pair_step.inclination 
_ndb_struct_na_base_pair_step.tip 
_ndb_struct_na_base_pair_step.helical_twist 
_ndb_struct_na_base_pair_step.step_number 
_ndb_struct_na_base_pair_step.step_name 
_ndb_struct_na_base_pair_step.i_auth_asym_id_1 
_ndb_struct_na_base_pair_step.i_auth_seq_id_1 
_ndb_struct_na_base_pair_step.i_PDB_ins_code_1 
_ndb_struct_na_base_pair_step.j_auth_asym_id_1 
_ndb_struct_na_base_pair_step.j_auth_seq_id_1 
_ndb_struct_na_base_pair_step.j_PDB_ins_code_1 
_ndb_struct_na_base_pair_step.i_auth_asym_id_2 
_ndb_struct_na_base_pair_step.i_auth_seq_id_2 
_ndb_struct_na_base_pair_step.i_PDB_ins_code_2 
_ndb_struct_na_base_pair_step.j_auth_asym_id_2 
_ndb_struct_na_base_pair_step.j_auth_seq_id_2 
_ndb_struct_na_base_pair_step.j_PDB_ins_code_2 
1 A DC 1 1_555 B DG 10 1_555 A DG 2  1_555 B DC 9 1_555 -0.767 1.228  3.165 -6.727 1.910  32.937 1.809  0.225  3.317 3.322  11.701 
33.651 1 AA_DC1DG2:DC19DG20_BB  A 1 ? B 20 ? A 2  ? B 19 ? 
1 A DG 2 1_555 B DC 9  1_555 A DC 3  1_555 B DG 8 1_555 0.027  -1.004 3.535 3.631  2.399  33.739 -2.126 0.574  3.442 4.112  -6.223 
34.011 2 AA_DG2DC3:DG18DC19_BB  A 2 ? B 19 ? A 3  ? B 18 ? 
1 A DC 3 1_555 B DG 8  1_555 A DA 4  1_555 B DT 7 1_555 0.188  0.753  3.281 1.970  0.748  46.936 0.883  -0.072 3.297 0.938  -2.472 
46.981 3 AA_DC3DA4:DT17DG18_BB  A 3 ? B 18 ? A 4  ? B 17 ? 
1 A DA 7 1_555 B DT 4  1_555 A DC 8  1_555 B DG 3 1_555 -1.025 -0.793 3.549 -2.733 -3.560 36.276 -0.721 1.217  3.672 -5.690 4.368 
36.543 4 AA_DA7DC8:DG13DT14_BB  A 7 ? B 14 ? A 8  ? B 13 ? 
1 A DC 8 1_555 B DG 3  1_555 A DG 9  1_555 B DC 2 1_555 -0.173 -1.686 3.212 5.385  3.533  29.740 -3.885 1.352  2.921 6.783  
-10.338 30.414 5 AA_DC8DG9:DC12DG13_BB  A 8 ? B 13 ? A 9  ? B 12 ? 
1 A DG 9 1_555 B DC 2  1_555 A DC 10 1_555 B DG 1 1_555 0.019  -1.341 3.728 -5.478 -5.222 40.644 -1.247 -0.713 3.830 -7.439 7.804 
41.313 6 AA_DG9DC10:DG11DC12_BB A 9 ? B 12 ? A 10 ? B 11 ? 
# 
_pdbx_nmr_spectrometer.spectrometer_id   1 
_pdbx_nmr_spectrometer.model             DMX 
_pdbx_nmr_spectrometer.manufacturer      Bruker 
_pdbx_nmr_spectrometer.field_strength    600 
# 
_atom_sites.entry_id                    1QL5 
_atom_sites.fract_transf_matrix[1][1]   1.000000 
_atom_sites.fract_transf_matrix[1][2]   0.000000 
_atom_sites.fract_transf_matrix[1][3]   0.000000 
_atom_sites.fract_transf_matrix[2][1]   0.000000 
_atom_sites.fract_transf_matrix[2][2]   1.000000 
_atom_sites.fract_transf_matrix[2][3]   0.000000 
_atom_sites.fract_transf_matrix[3][1]   0.000000 
_atom_sites.fract_transf_matrix[3][2]   0.000000 
_atom_sites.fract_transf_matrix[3][3]   1.000000 
_atom_sites.fract_transf_vector[1]      0.00000 
_atom_sites.fract_transf_vector[2]      0.00000 
_atom_sites.fract_transf_vector[3]      0.00000 
# 
loop_
_atom_type.symbol 
C 
H 
N 
O 
P 
# 
loop_
_atom_site.group_PDB 
_atom_site.id 
_atom_site.type_symbol 
_atom_site.label_atom_id 
_atom_site.label_alt_id 
_atom_site.label_comp_id 
_atom_site.label_asym_id 
_atom_site.label_entity_id 
_atom_site.label_seq_id 
_atom_site.pdbx_PDB_ins_code 
_atom_site.Cartn_x 
_atom_site.Cartn_y 
_atom_site.Cartn_z 
_atom_site.occupancy 
_atom_site.B_iso_or_equiv 
_atom_site.pdbx_formal_charge 
_atom_site.auth_seq_id 
_atom_site.auth_comp_id 
_atom_site.auth_asym_id 
_atom_site.auth_atom_id 
_atom_site.pdbx_PDB_model_num 
ATOM   1   O "O5'"  . DC  A 1 1  ? -3.370  16.365  -8.427  1.00 0.95 ? 1  DC  A "O5'"  1 
ATOM   2   C "C5'"  . DC  A 1 1  ? -4.171  15.338  -9.020  1.00 0.93 ? 1  DC  A "C5'"  1 
ATOM   3   C "C4'"  . DC  A 1 1  ? -4.500  14.234  -8.036  1.00 0.75 ? 1  DC  A "C4'"  1 
ATOM   4   O "O4'"  . DC  A 1 1  ? -5.428  13.267  -8.643  1.00 0.75 ? 1  DC  A "O4'"  1 
ATOM   5   C "C3'"  . DC  A 1 1  ? -3.227  13.439  -7.734  1.00 0.64 ? 1  DC  A "C3'"  1 
ATOM   6   O "O3'"  . DC  A 1 1  ? -2.978  13.374  -6.320  1.00 0.56 ? 1  DC  A "O3'"  1 
ATOM   7   C "C2'"  . DC  A 1 1  ? -3.530  12.029  -8.268  1.00 0.58 ? 1  DC  A "C2'"  1 
ATOM   8   C "C1'"  . DC  A 1 1  ? -5.055  11.984  -8.168  1.00 0.59 ? 1  DC  A "C1'"  1 
ATOM   9   N N1     . DC  A 1 1  ? -5.721  10.879  -8.916  1.00 0.57 ? 1  DC  A N1     1 
ATOM   10  C C2     . DC  A 1 1  ? -6.996  10.439  -8.447  1.00 0.57 ? 1  DC  A C2     1 
ATOM   11  O O2     . DC  A 1 1  ? -7.561  10.950  -7.469  1.00 0.65 ? 1  DC  A O2     1 
ATOM   12  N N3     . DC  A 1 1  ? -7.620  9.414   -9.114  1.00 0.56 ? 1  DC  A N3     1 
ATOM   13  C C4     . DC  A 1 1  ? -7.055  8.829   -10.177 1.00 0.56 ? 1  DC  A C4     1 
ATOM   14  N N4     . DC  A 1 1  ? -7.713  7.825   -10.796 1.00 0.56 ? 1  DC  A N4     1 
ATOM   15  C C5     . DC  A 1 1  ? -5.771  9.249   -10.657 1.00 0.63 ? 1  DC  A C5     1 
ATOM   16  C C6     . DC  A 1 1  ? -5.153  10.252  -10.010 1.00 0.63 ? 1  DC  A C6     1 
ATOM   17  H "H5'"  . DC  A 1 1  ? -3.636  14.908  -9.894  1.00 0.98 ? 1  DC  A "H5'"  1 
ATOM   18  H "H5''" . DC  A 1 1  ? -5.119  15.795  -9.374  1.00 1.04 ? 1  DC  A "H5''" 1 
ATOM   19  H "H4'"  . DC  A 1 1  ? -4.952  14.716  -7.139  1.00 0.76 ? 1  DC  A "H4'"  1 
ATOM   20  H "H3'"  . DC  A 1 1  ? -2.363  13.918  -8.267  1.00 0.74 ? 1  DC  A "H3'"  1 
ATOM   21  H "H2'"  . DC  A 1 1  ? -3.217  11.942  -9.321  1.00 0.67 ? 1  DC  A "H2'"  1 
ATOM   22  H "H2''" . DC  A 1 1  ? -3.036  11.199  -7.733  1.00 0.50 ? 1  DC  A "H2''" 1 
ATOM   23  H "H1'"  . DC  A 1 1  ? -5.402  11.905  -7.119  1.00 0.54 ? 1  DC  A "H1'"  1 
ATOM   24  H H41    . DC  A 1 1  ? -8.616  7.565   -10.423 1.00 0.55 ? 1  DC  A H41    1 
ATOM   25  H H42    . DC  A 1 1  ? -7.330  7.362   -11.589 1.00 0.61 ? 1  DC  A H42    1 
ATOM   26  H H5     . DC  A 1 1  ? -5.335  8.756   -11.521 1.00 0.73 ? 1  DC  A H5     1 
ATOM   27  H H6     . DC  A 1 1  ? -4.182  10.616  -10.323 1.00 0.71 ? 1  DC  A H6     1 
ATOM   28  H "HO5'" . DC  A 1 1  ? -2.984  16.059  -7.552  1.00 0.82 ? 1  DC  A "HO5'" 1 
ATOM   29  P P      . DG  A 1 2  ? -1.975  14.413  -5.630  1.00 0.63 ? 2  DG  A P      1 
ATOM   30  O OP1    . DG  A 1 2  ? -2.292  15.742  -6.204  1.00 0.73 ? 2  DG  A OP1    1 
ATOM   31  O OP2    . DG  A 1 2  ? -0.599  13.900  -5.786  1.00 0.66 ? 2  DG  A OP2    1 
ATOM   32  O "O5'"  . DG  A 1 2  ? -2.396  14.377  -4.093  1.00 0.61 ? 2  DG  A "O5'"  1 
ATOM   33  C "C5'"  . DG  A 1 2  ? -3.597  14.873  -3.466  1.00 0.62 ? 2  DG  A "C5'"  1 
ATOM   34  C "C4'"  . DG  A 1 2  ? -4.325  13.800  -2.664  1.00 0.57 ? 2  DG  A "C4'"  1 
ATOM   35  O "O4'"  . DG  A 1 2  ? -4.858  12.757  -3.533  1.00 0.53 ? 2  DG  A "O4'"  1 
ATOM   36  C "C3'"  . DG  A 1 2  ? -3.404  13.095  -1.684  1.00 0.57 ? 2  DG  A "C3'"  1 
ATOM   37  O "O3'"  . DG  A 1 2  ? -4.051  13.115  -0.409  1.00 0.64 ? 2  DG  A "O3'"  1 
ATOM   38  C "C2'"  . DG  A 1 2  ? -3.218  11.689  -2.277  1.00 0.52 ? 2  DG  A "C2'"  1 
ATOM   39  C "C1'"  . DG  A 1 2  ? -4.550  11.482  -2.980  1.00 0.49 ? 2  DG  A "C1'"  1 
ATOM   40  N N9     . DG  A 1 2  ? -4.524  10.562  -4.136  1.00 0.44 ? 2  DG  A N9     1 
ATOM   41  C C8     . DG  A 1 2  ? -3.571  10.445  -5.096  1.00 0.45 ? 2  DG  A C8     1 
ATOM   42  N N7     . DG  A 1 2  ? -3.839  9.534   -6.015  1.00 0.41 ? 2  DG  A N7     1 
ATOM   43  C C5     . DG  A 1 2  ? -5.068  9.023   -5.645  1.00 0.38 ? 2  DG  A C5     1 
ATOM   44  C C6     . DG  A 1 2  ? -5.862  8.021   -6.256  1.00 0.35 ? 2  DG  A C6     1 
ATOM   45  O O6     . DG  A 1 2  ? -5.593  7.392   -7.287  1.00 0.36 ? 2  DG  A O6     1 
ATOM   46  N N1     . DG  A 1 2  ? -7.054  7.794   -5.542  1.00 0.35 ? 2  DG  A N1     1 
ATOM   47  C C2     . DG  A 1 2  ? -7.435  8.452   -4.385  1.00 0.37 ? 2  DG  A C2     1 
ATOM   48  N N2     . DG  A 1 2  ? -8.616  8.061   -3.898  1.00 0.39 ? 2  DG  A N2     1 
ATOM   49  N N3     . DG  A 1 2  ? -6.672  9.396   -3.825  1.00 0.40 ? 2  DG  A N3     1 
ATOM   50  C C4     . DG  A 1 2  ? -5.518  9.642   -4.482  1.00 0.40 ? 2  DG  A C4     1 
ATOM   51  H "H5'"  . DG  A 1 2  ? -4.305  15.292  -4.218  1.00 0.65 ? 2  DG  A "H5'"  1 
ATOM   52  H "H5''" . DG  A 1 2  ? -3.316  15.691  -2.764  1.00 0.66 ? 2  DG  A "H5''" 1 
ATOM   53  H "H4'"  . DG  A 1 2  ? -5.182  14.288  -2.146  1.00 0.62 ? 2  DG  A "H4'"  1 
ATOM   54  H "H3'"  . DG  A 1 2  ? -2.421  13.612  -1.604  1.00 0.59 ? 2  DG  A "H3'"  1 
ATOM   55  H "H2'"  . DG  A 1 2  ? -2.391  11.738  -3.013  1.00 0.53 ? 2  DG  A "H2'"  1 
ATOM   56  H "H2''" . DG  A 1 2  ? -3.000  10.900  -1.529  1.00 0.55 ? 2  DG  A "H2''" 1 
ATOM   57  H "H1'"  . DG  A 1 2  ? -5.345  11.196  -2.249  1.00 0.51 ? 2  DG  A "H1'"  1 
ATOM   58  H H8     . DG  A 1 2  ? -2.682  11.088  -5.019  1.00 0.50 ? 2  DG  A H8     1 
ATOM   59  H H1     . DG  A 1 2  ? -7.680  7.084   -5.912  1.00 0.35 ? 2  DG  A H1     1 
ATOM   60  H H21    . DG  A 1 2  ? -9.184  7.345   -4.323  1.00 0.40 ? 2  DG  A H21    1 
ATOM   61  H H22    . DG  A 1 2  ? -8.865  8.534   -3.059  1.00 0.41 ? 2  DG  A H22    1 
ATOM   62  P P      . DC  A 1 3  ? -3.958  12.288  0.947   1.00 0.80 ? 3  DC  A P      1 
ATOM   63  O OP1    . DC  A 1 3  ? -4.471  13.150  2.034   1.00 1.14 ? 3  DC  A OP1    1 
ATOM   64  O OP2    . DC  A 1 3  ? -2.597  11.727  1.090   1.00 1.18 ? 3  DC  A OP2    1 
ATOM   65  O "O5'"  . DC  A 1 3  ? -5.004  11.106  0.680   1.00 0.64 ? 3  DC  A "O5'"  1 
ATOM   66  C "C5'"  . DC  A 1 3  ? -6.409  11.050  1.004   1.00 0.60 ? 3  DC  A "C5'"  1 
ATOM   67  C "C4'"  . DC  A 1 3  ? -6.933  9.612   1.091   1.00 0.47 ? 3  DC  A "C4'"  1 
ATOM   68  O "O4'"  . DC  A 1 3  ? -6.844  8.947   -0.206  1.00 0.40 ? 3  DC  A "O4'"  1 
ATOM   69  C "C3'"  . DC  A 1 3  ? -6.187  8.755   2.086   1.00 0.46 ? 3  DC  A "C3'"  1 
ATOM   70  O "O3'"  . DC  A 1 3  ? -7.038  7.788   2.734   1.00 0.45 ? 3  DC  A "O3'"  1 
ATOM   71  C "C2'"  . DC  A 1 3  ? -5.240  8.027   1.178   1.00 0.41 ? 3  DC  A "C2'"  1 
ATOM   72  C "C1'"  . DC  A 1 3  ? -6.192  7.714   0.008   1.00 0.34 ? 3  DC  A "C1'"  1 
ATOM   73  N N1     . DC  A 1 3  ? -5.507  7.314   -1.247  1.00 0.29 ? 3  DC  A N1     1 
ATOM   74  C C2     . DC  A 1 3  ? -6.102  6.287   -2.040  1.00 0.26 ? 3  DC  A C2     1 
ATOM   75  O O2     . DC  A 1 3  ? -7.161  5.717   -1.722  1.00 0.30 ? 3  DC  A O2     1 
ATOM   76  N N3     . DC  A 1 3  ? -5.476  5.912   -3.198  1.00 0.24 ? 3  DC  A N3     1 
ATOM   77  C C4     . DC  A 1 3  ? -4.343  6.481   -3.589  1.00 0.24 ? 3  DC  A C4     1 
ATOM   78  N N4     . DC  A 1 3  ? -3.798  6.053   -4.734  1.00 0.24 ? 3  DC  A N4     1 
ATOM   79  C C5     . DC  A 1 3  ? -3.720  7.514   -2.816  1.00 0.29 ? 3  DC  A C5     1 
ATOM   80  C C6     . DC  A 1 3  ? -4.320  7.895   -1.679  1.00 0.32 ? 3  DC  A C6     1 
ATOM   81  H "H5'"  . DC  A 1 3  ? -6.990  11.598  0.229   1.00 0.65 ? 3  DC  A "H5'"  1 
ATOM   82  H "H5''" . DC  A 1 3  ? -6.581  11.541  1.988   1.00 0.67 ? 3  DC  A "H5''" 1 
ATOM   83  H "H4'"  . DC  A 1 3  ? -7.952  9.554   1.441   1.00 0.49 ? 3  DC  A "H4'"  1 
ATOM   84  H "H3'"  . DC  A 1 3  ? -5.706  9.422   2.823   1.00 0.53 ? 3  DC  A "H3'"  1 
ATOM   85  H "H2'"  . DC  A 1 3  ? -4.477  8.780   0.883   1.00 0.46 ? 3  DC  A "H2'"  1 
ATOM   86  H "H2''" . DC  A 1 3  ? -4.779  7.166   1.692   1.00 0.43 ? 3  DC  A "H2''" 1 
ATOM   87  H "H1'"  . DC  A 1 3  ? -7.020  7.007   0.287   1.00 0.33 ? 3  DC  A "H1'"  1 
ATOM   88  H H41    . DC  A 1 3  ? -4.210  5.331   -5.300  1.00 0.26 ? 3  DC  A H41    1 
ATOM   89  H H42    . DC  A 1 3  ? -2.973  6.437   -5.063  1.00 0.26 ? 3  DC  A H42    1 
ATOM   90  H H5     . DC  A 1 3  ? -2.792  7.961   -3.167  1.00 0.33 ? 3  DC  A H5     1 
ATOM   91  H H6     . DC  A 1 3  ? -3.894  8.676   -1.052  1.00 0.39 ? 3  DC  A H6     1 
ATOM   92  P P      . DA  A 1 4  ? -6.935  7.207   4.226   1.00 0.51 ? 4  DA  A P      1 
ATOM   93  O OP1    . DA  A 1 4  ? -7.642  8.110   5.162   1.00 0.65 ? 4  DA  A OP1    1 
ATOM   94  O OP2    . DA  A 1 4  ? -5.521  6.868   4.509   1.00 0.58 ? 4  DA  A OP2    1 
ATOM   95  O "O5'"  . DA  A 1 4  ? -7.756  5.841   4.086   1.00 0.49 ? 4  DA  A "O5'"  1 
ATOM   96  C "C5'"  . DA  A 1 4  ? -9.133  5.671   3.685   1.00 0.47 ? 4  DA  A "C5'"  1 
ATOM   97  C "C4'"  . DA  A 1 4  ? -9.373  4.331   2.987   1.00 0.43 ? 4  DA  A "C4'"  1 
ATOM   98  O "O4'"  . DA  A 1 4  ? -8.560  4.239   1.778   1.00 0.41 ? 4  DA  A "O4'"  1 
ATOM   99  C "C3'"  . DA  A 1 4  ? -8.977  3.150   3.864   1.00 0.46 ? 4  DA  A "C3'"  1 
ATOM   100 O "O3'"  . DA  A 1 4  ? -9.961  2.115   3.731   1.00 0.47 ? 4  DA  A "O3'"  1 
ATOM   101 C "C2'"  . DA  A 1 4  ? -7.614  2.727   3.320   1.00 0.44 ? 4  DA  A "C2'"  1 
ATOM   102 C "C1'"  . DA  A 1 4  ? -7.754  3.070   1.823   1.00 0.39 ? 4  DA  A "C1'"  1 
ATOM   103 N N9     . DA  A 1 4  ? -6.482  3.465   1.189   1.00 0.35 ? 4  DA  A N9     1 
ATOM   104 C C8     . DA  A 1 4  ? -5.536  4.321   1.667   1.00 0.35 ? 4  DA  A C8     1 
ATOM   105 N N7     . DA  A 1 4  ? -4.498  4.490   0.872   1.00 0.33 ? 4  DA  A N7     1 
ATOM   106 C C5     . DA  A 1 4  ? -4.799  3.687   -0.216  1.00 0.29 ? 4  DA  A C5     1 
ATOM   107 C C6     . DA  A 1 4  ? -4.085  3.437   -1.408  1.00 0.28 ? 4  DA  A C6     1 
ATOM   108 N N6     . DA  A 1 4  ? -2.890  4.023   -1.656  1.00 0.30 ? 4  DA  A N6     1 
ATOM   109 N N1     . DA  A 1 4  ? -4.667  2.578   -2.289  1.00 0.28 ? 4  DA  A N1     1 
ATOM   110 C C2     . DA  A 1 4  ? -5.847  2.022   -2.005  1.00 0.30 ? 4  DA  A C2     1 
ATOM   111 N N3     . DA  A 1 4  ? -6.597  2.192   -0.924  1.00 0.32 ? 4  DA  A N3     1 
ATOM   112 C C4     . DA  A 1 4  ? -6.010  3.046   -0.054  1.00 0.31 ? 4  DA  A C4     1 
ATOM   113 H "H5'"  . DA  A 1 4  ? -9.440  6.484   2.990   1.00 0.48 ? 4  DA  A "H5'"  1 
ATOM   114 H "H5''" . DA  A 1 4  ? -9.782  5.727   4.586   1.00 0.50 ? 4  DA  A "H5''" 1 
ATOM   115 H "H4'"  . DA  A 1 4  ? -10.440 4.266   2.682   1.00 0.44 ? 4  DA  A "H4'"  1 
ATOM   116 H "H3'"  . DA  A 1 4  ? -8.895  3.454   4.931   1.00 0.51 ? 4  DA  A "H3'"  1 
ATOM   117 H "H2'"  . DA  A 1 4  ? -6.861  3.385   3.802   1.00 0.47 ? 4  DA  A "H2'"  1 
ATOM   118 H "H2''" . DA  A 1 4  ? -7.334  1.677   3.569   1.00 0.46 ? 4  DA  A "H2''" 1 
ATOM   119 H "H1'"  . DA  A 1 4  ? -8.295  2.300   1.213   1.00 0.39 ? 4  DA  A "H1'"  1 
ATOM   120 H H8     . DA  A 1 4  ? -5.707  4.774   2.647   1.00 0.39 ? 4  DA  A H8     1 
ATOM   121 H H61    . DA  A 1 4  ? -2.433  3.798   -2.531  1.00 0.33 ? 4  DA  A H61    1 
ATOM   122 H H62    . DA  A 1 4  ? -2.499  4.644   -0.983  1.00 0.33 ? 4  DA  A H62    1 
ATOM   123 H H2     . DA  A 1 4  ? -6.250  1.345   -2.762  1.00 0.33 ? 4  DA  A H2     1 
HETATM 124 P P      . PBT A 1 5  ? -10.062 0.661   4.384   1.00 0.51 ? 5  PBT A P      1 
HETATM 125 O O1P    . PBT A 1 5  ? -11.492 0.328   4.562   1.00 0.58 ? 5  PBT A O1P    1 
HETATM 126 O O2P    . PBT A 1 5  ? -9.189  0.600   5.578   1.00 0.54 ? 5  PBT A O2P    1 
HETATM 127 O "O5'"  . PBT A 1 5  ? -9.442  -0.259  3.226   1.00 0.49 ? 5  PBT A "O5'"  1 
HETATM 128 C "C5'"  . PBT A 1 5  ? -9.814  -0.294  1.826   1.00 0.51 ? 5  PBT A "C5'"  1 
HETATM 129 C "C4'"  . PBT A 1 5  ? -8.788  -1.045  0.973   1.00 0.50 ? 5  PBT A "C4'"  1 
HETATM 130 O "O4'"  . PBT A 1 5  ? -7.482  -0.405  1.073   1.00 0.42 ? 5  PBT A "O4'"  1 
HETATM 131 C "C3'"  . PBT A 1 5  ? -8.600  -2.447  1.538   1.00 0.51 ? 5  PBT A "C3'"  1 
HETATM 132 O "O3'"  . PBT A 1 5  ? -8.797  -3.501  0.591   1.00 0.69 ? 5  PBT A "O3'"  1 
HETATM 133 C "C2'"  . PBT A 1 5  ? -7.200  -2.459  2.152   1.00 0.43 ? 5  PBT A "C2'"  1 
HETATM 134 C "C1'"  . PBT A 1 5  ? -6.499  -1.410  1.243   1.00 0.39 ? 5  PBT A "C1'"  1 
HETATM 135 N N1     . PBT A 1 5  ? -5.186  -0.698  1.519   1.00 0.33 ? 5  PBT A N1     1 
HETATM 136 C C2     . PBT A 1 5  ? -4.525  -0.273  0.286   1.00 0.33 ? 5  PBT A C2     1 
HETATM 137 O O2     . PBT A 1 5  ? -4.947  -0.475  -0.859  1.00 0.35 ? 5  PBT A O2     1 
HETATM 138 N N3     . PBT A 1 5  ? -3.306  0.423   0.431   1.00 0.32 ? 5  PBT A N3     1 
HETATM 139 C C4     . PBT A 1 5  ? -2.609  0.702   1.604   1.00 0.30 ? 5  PBT A C4     1 
HETATM 140 O O4     . PBT A 1 5  ? -1.556  1.343   1.587   1.00 0.31 ? 5  PBT A O4     1 
HETATM 141 C C5     . PBT A 1 5  ? -3.312  0.381   2.907   1.00 0.30 ? 5  PBT A C5     1 
HETATM 142 C C5M    . PBT A 1 5  ? -3.728  1.655   3.640   1.00 0.32 ? 5  PBT A C5M    1 
HETATM 143 C C6     . PBT A 1 5  ? -4.462  -0.711  2.760   1.00 0.31 ? 5  PBT A C6     1 
HETATM 144 H "H5'1" . PBT A 1 5  ? -9.911  0.743   1.431   1.00 0.52 ? 5  PBT A "H5'1" 1 
HETATM 145 H "H5'2" . PBT A 1 5  ? -10.798 -0.802  1.722   1.00 0.56 ? 5  PBT A "H5'2" 1 
HETATM 146 H "H4'"  . PBT A 1 5  ? -9.096  -1.050  -0.096  1.00 0.58 ? 5  PBT A "H4'"  1 
HETATM 147 H "H3'"  . PBT A 1 5  ? -9.330  -2.614  2.357   1.00 0.52 ? 5  PBT A "H3'"  1 
HETATM 148 H "H2'1" . PBT A 1 5  ? -7.437  -2.185  3.203   1.00 0.43 ? 5  PBT A "H2'1" 1 
HETATM 149 H "H2'2" . PBT A 1 5  ? -6.792  -3.498  2.058   1.00 0.44 ? 5  PBT A "H2'2" 1 
HETATM 150 H "H1'"  . PBT A 1 5  ? -6.394  -1.929  0.269   1.00 0.41 ? 5  PBT A "H1'"  1 
HETATM 151 H H3     . PBT A 1 5  ? -2.767  0.568   -0.411  1.00 0.36 ? 5  PBT A H3     1 
HETATM 152 H H5M1   . PBT A 1 5  ? -2.873  2.345   3.807   1.00 0.33 ? 5  PBT A H5M1   1 
HETATM 153 H H5M2   . PBT A 1 5  ? -4.474  2.233   3.056   1.00 0.33 ? 5  PBT A H5M2   1 
HETATM 154 H H5M3   . PBT A 1 5  ? -4.203  1.518   4.634   1.00 0.34 ? 5  PBT A H5M3   1 
HETATM 155 H H6C1   . PBT A 1 5  ? -5.032  -0.612  3.711   1.00 0.34 ? 5  PBT A H6C1   1 
HETATM 156 P P      . PBT A 1 6  ? -8.244  -4.128  -0.785  1.00 0.48 ? 6  PBT A P      1 
HETATM 157 O O1P    . PBT A 1 6  ? -8.597  -3.261  -1.930  1.00 0.78 ? 6  PBT A O1P    1 
HETATM 158 O O2P    . PBT A 1 6  ? -8.714  -5.529  -0.820  1.00 0.93 ? 6  PBT A O2P    1 
HETATM 159 O "O5'"  . PBT A 1 6  ? -6.651  -4.151  -0.559  1.00 0.36 ? 6  PBT A "O5'"  1 
HETATM 160 C "C5'"  . PBT A 1 6  ? -5.594  -4.001  -1.524  1.00 0.36 ? 6  PBT A "C5'"  1 
HETATM 161 C "C4'"  . PBT A 1 6  ? -4.208  -4.253  -0.932  1.00 0.31 ? 6  PBT A "C4'"  1 
HETATM 162 O "O4'"  . PBT A 1 6  ? -3.728  -3.068  -0.204  1.00 0.29 ? 6  PBT A "O4'"  1 
HETATM 163 C "C3'"  . PBT A 1 6  ? -4.224  -5.400  0.101   1.00 0.32 ? 6  PBT A "C3'"  1 
HETATM 164 O "O3'"  . PBT A 1 6  ? -3.084  -6.283  -0.036  1.00 0.33 ? 6  PBT A "O3'"  1 
HETATM 165 C "C2'"  . PBT A 1 6  ? -4.126  -4.616  1.471   1.00 0.32 ? 6  PBT A "C2'"  1 
HETATM 166 C "C1'"  . PBT A 1 6  ? -3.100  -3.543  0.966   1.00 0.29 ? 6  PBT A "C1'"  1 
HETATM 167 N N1     . PBT A 1 6  ? -2.598  -2.410  1.858   1.00 0.28 ? 6  PBT A N1     1 
HETATM 168 C C2     . PBT A 1 6  ? -1.210  -2.088  1.599   1.00 0.27 ? 6  PBT A C2     1 
HETATM 169 O O2     . PBT A 1 6  ? -0.592  -2.460  0.594   1.00 0.27 ? 6  PBT A O2     1 
HETATM 170 N N3     . PBT A 1 6  ? -0.518  -1.323  2.569   1.00 0.29 ? 6  PBT A N3     1 
HETATM 171 C C4     . PBT A 1 6  ? -1.029  -0.753  3.758   1.00 0.31 ? 6  PBT A C4     1 
HETATM 172 O O4     . PBT A 1 6  ? -0.329  -0.028  4.471   1.00 0.33 ? 6  PBT A O4     1 
HETATM 173 C C5     . PBT A 1 6  ? -2.542  -0.728  3.860   1.00 0.30 ? 6  PBT A C5     1 
HETATM 174 C C5M    . PBT A 1 6  ? -3.099  -0.685  5.298   1.00 0.34 ? 6  PBT A C5M    1 
HETATM 175 C C6     . PBT A 1 6  ? -3.296  -1.862  3.007   1.00 0.30 ? 6  PBT A C6     1 
HETATM 176 H "H5'1" . PBT A 1 6  ? -5.623  -2.978  -1.960  1.00 0.39 ? 6  PBT A "H5'1" 1 
HETATM 177 H "H5'2" . PBT A 1 6  ? -5.739  -4.738  -2.344  1.00 0.40 ? 6  PBT A "H5'2" 1 
HETATM 178 H "H4'"  . PBT A 1 6  ? -3.544  -4.454  -1.796  1.00 0.32 ? 6  PBT A "H4'"  1 
HETATM 179 H "H3'"  . PBT A 1 6  ? -5.135  -6.002  -0.137  1.00 0.35 ? 6  PBT A "H3'"  1 
HETATM 180 H "H2'1" . PBT A 1 6  ? -5.101  -4.122  1.742   1.00 0.33 ? 6  PBT A "H2'1" 1 
HETATM 181 H "H2'2" . PBT A 1 6  ? -3.840  -5.271  2.346   1.00 0.34 ? 6  PBT A "H2'2" 1 
HETATM 182 H "H1'"  . PBT A 1 6  ? -2.200  -4.039  0.516   1.00 0.29 ? 6  PBT A "H1'"  1 
HETATM 183 H H3     . PBT A 1 6  ? 0.432   -1.093  2.320   1.00 0.30 ? 6  PBT A H3     1 
HETATM 184 H H5M1   . PBT A 1 6  ? -2.660  0.146   5.891   1.00 0.35 ? 6  PBT A H5M1   1 
HETATM 185 H H5M2   . PBT A 1 6  ? -4.197  -0.576  5.425   1.00 0.36 ? 6  PBT A H5M2   1 
HETATM 186 H H5M3   . PBT A 1 6  ? -2.848  -1.613  5.854   1.00 0.36 ? 6  PBT A H5M3   1 
HETATM 187 H H6C1   . PBT A 1 6  ? -3.666  -2.701  3.635   1.00 0.32 ? 6  PBT A H6C1   1 
ATOM   188 P P      . DA  A 1 7  ? -3.136  -7.890  0.150   1.00 0.37 ? 7  DA  A P      1 
ATOM   189 O OP1    . DA  A 1 7  ? -4.477  -8.390  -0.220  1.00 0.42 ? 7  DA  A OP1    1 
ATOM   190 O OP2    . DA  A 1 7  ? -2.645  -8.193  1.516   1.00 0.38 ? 7  DA  A OP2    1 
ATOM   191 O "O5'"  . DA  A 1 7  ? -2.064  -8.430  -0.921  1.00 0.39 ? 7  DA  A "O5'"  1 
ATOM   192 C "C5'"  . DA  A 1 7  ? -1.857  -8.043  -2.303  1.00 0.41 ? 7  DA  A "C5'"  1 
ATOM   193 C "C4'"  . DA  A 1 7  ? -0.443  -7.491  -2.543  1.00 0.43 ? 7  DA  A "C4'"  1 
ATOM   194 O "O4'"  . DA  A 1 7  ? -0.201  -6.370  -1.636  1.00 0.41 ? 7  DA  A "O4'"  1 
ATOM   195 C "C3'"  . DA  A 1 7  ? 0.622   -8.542  -2.224  1.00 0.44 ? 7  DA  A "C3'"  1 
ATOM   196 O "O3'"  . DA  A 1 7  ? 1.711   -8.509  -3.170  1.00 0.50 ? 7  DA  A "O3'"  1 
ATOM   197 C "C2'"  . DA  A 1 7  ? 1.130   -8.105  -0.857  1.00 0.40 ? 7  DA  A "C2'"  1 
ATOM   198 C "C1'"  . DA  A 1 7  ? 1.031   -6.586  -0.983  1.00 0.39 ? 7  DA  A "C1'"  1 
ATOM   199 N N9     . DA  A 1 7  ? 0.979   -5.919  0.334   1.00 0.35 ? 7  DA  A N9     1 
ATOM   200 C C8     . DA  A 1 7  ? 0.079   -6.108  1.342   1.00 0.34 ? 7  DA  A C8     1 
ATOM   201 N N7     . DA  A 1 7  ? 0.287   -5.367  2.410   1.00 0.34 ? 7  DA  A N7     1 
ATOM   202 C C5     . DA  A 1 7  ? 1.411   -4.632  2.072   1.00 0.34 ? 7  DA  A C5     1 
ATOM   203 C C6     . DA  A 1 7  ? 2.131   -3.656  2.797   1.00 0.34 ? 7  DA  A C6     1 
ATOM   204 N N6     . DA  A 1 7  ? 1.776   -3.271  4.046   1.00 0.34 ? 7  DA  A N6     1 
ATOM   205 N N1     . DA  A 1 7  ? 3.201   -3.117  2.172   1.00 0.35 ? 7  DA  A N1     1 
ATOM   206 C C2     . DA  A 1 7  ? 3.543   -3.516  0.935   1.00 0.37 ? 7  DA  A C2     1 
ATOM   207 N N3     . DA  A 1 7  ? 2.938   -4.418  0.176   1.00 0.37 ? 7  DA  A N3     1 
ATOM   208 C C4     . DA  A 1 7  ? 1.862   -4.948  0.805   1.00 0.35 ? 7  DA  A C4     1 
ATOM   209 H "H5'"  . DA  A 1 7  ? -2.591  -7.260  -2.601  1.00 0.42 ? 7  DA  A "H5'"  1 
ATOM   210 H "H5''" . DA  A 1 7  ? -2.018  -8.925  -2.960  1.00 0.44 ? 7  DA  A "H5''" 1 
ATOM   211 H "H4'"  . DA  A 1 7  ? -0.333  -7.123  -3.585  1.00 0.47 ? 7  DA  A "H4'"  1 
ATOM   212 H "H3'"  . DA  A 1 7  ? 0.160   -9.558  -2.196  1.00 0.45 ? 7  DA  A "H3'"  1 
ATOM   213 H "H2'"  . DA  A 1 7  ? 0.429   -8.475  -0.079  1.00 0.40 ? 7  DA  A "H2'"  1 
ATOM   214 H "H2''" . DA  A 1 7  ? 2.145   -8.483  -0.626  1.00 0.43 ? 7  DA  A "H2''" 1 
ATOM   215 H "H1'"  . DA  A 1 7  ? 1.777   -6.118  -1.666  1.00 0.42 ? 7  DA  A "H1'"  1 
ATOM   216 H H8     . DA  A 1 7  ? -0.713  -6.843  1.195   1.00 0.35 ? 7  DA  A H8     1 
ATOM   217 H H61    . DA  A 1 7  ? 2.342   -2.572  4.505   1.00 0.34 ? 7  DA  A H61    1 
ATOM   218 H H62    . DA  A 1 7  ? 0.978   -3.698  4.466   1.00 0.36 ? 7  DA  A H62    1 
ATOM   219 H H2     . DA  A 1 7  ? 4.423   -3.045  0.482   1.00 0.39 ? 7  DA  A H2     1 
ATOM   220 P P      . DC  A 1 8  ? 2.781   -9.686  -3.416  1.00 0.55 ? 8  DC  A P      1 
ATOM   221 O OP1    . DC  A 1 8  ? 2.559   -10.274 -4.757  1.00 0.74 ? 8  DC  A OP1    1 
ATOM   222 O OP2    . DC  A 1 8  ? 2.736   -10.617 -2.266  1.00 0.55 ? 8  DC  A OP2    1 
ATOM   223 O "O5'"  . DC  A 1 8  ? 4.184   -8.906  -3.389  1.00 0.46 ? 8  DC  A "O5'"  1 
ATOM   224 C "C5'"  . DC  A 1 8  ? 4.611   -7.835  -4.257  1.00 0.51 ? 8  DC  A "C5'"  1 
ATOM   225 C "C4'"  . DC  A 1 8  ? 5.893   -7.139  -3.789  1.00 0.51 ? 8  DC  A "C4'"  1 
ATOM   226 O "O4'"  . DC  A 1 8  ? 5.685   -6.469  -2.518  1.00 0.49 ? 8  DC  A "O4'"  1 
ATOM   227 C "C3'"  . DC  A 1 8  ? 7.052   -8.097  -3.592  1.00 0.50 ? 8  DC  A "C3'"  1 
ATOM   228 O "O3'"  . DC  A 1 8  ? 8.280   -7.483  -4.038  1.00 0.58 ? 8  DC  A "O3'"  1 
ATOM   229 C "C2'"  . DC  A 1 8  ? 7.058   -8.351  -2.085  1.00 0.42 ? 8  DC  A "C2'"  1 
ATOM   230 C "C1'"  . DC  A 1 8  ? 6.654   -6.922  -1.584  1.00 0.44 ? 8  DC  A "C1'"  1 
ATOM   231 N N1     . DC  A 1 8  ? 5.956   -6.822  -0.265  1.00 0.37 ? 8  DC  A N1     1 
ATOM   232 C C2     . DC  A 1 8  ? 6.516   -6.002  0.763   1.00 0.35 ? 8  DC  A C2     1 
ATOM   233 O O2     . DC  A 1 8  ? 7.583   -5.382  0.623   1.00 0.38 ? 8  DC  A O2     1 
ATOM   234 N N3     . DC  A 1 8  ? 5.850   -5.905  1.955   1.00 0.35 ? 8  DC  A N3     1 
ATOM   235 C C4     . DC  A 1 8  ? 4.713   -6.545  2.175   1.00 0.35 ? 8  DC  A C4     1 
ATOM   236 N N4     . DC  A 1 8  ? 4.133   -6.404  3.376   1.00 0.39 ? 8  DC  A N4     1 
ATOM   237 C C5     . DC  A 1 8  ? 4.117   -7.367  1.161   1.00 0.35 ? 8  DC  A C5     1 
ATOM   238 C C6     . DC  A 1 8  ? 4.755   -7.471  -0.016  1.00 0.36 ? 8  DC  A C6     1 
ATOM   239 H "H5'"  . DC  A 1 8  ? 3.816   -7.059  -4.320  1.00 0.56 ? 8  DC  A "H5'"  1 
ATOM   240 H "H5''" . DC  A 1 8  ? 4.791   -8.242  -5.275  1.00 0.56 ? 8  DC  A "H5''" 1 
ATOM   241 H "H4'"  . DC  A 1 8  ? 6.158   -6.351  -4.508  1.00 0.59 ? 8  DC  A "H4'"  1 
ATOM   242 H "H3'"  . DC  A 1 8  ? 6.887   -9.029  -4.160  1.00 0.51 ? 8  DC  A "H3'"  1 
ATOM   243 H "H2'"  . DC  A 1 8  ? 6.356   -9.172  -1.829  1.00 0.40 ? 8  DC  A "H2'"  1 
ATOM   244 H "H2''" . DC  A 1 8  ? 8.042   -8.773  -1.827  1.00 0.44 ? 8  DC  A "H2''" 1 
ATOM   245 H "H1'"  . DC  A 1 8  ? 7.494   -6.183  -1.681  1.00 0.50 ? 8  DC  A "H1'"  1 
ATOM   246 H H41    . DC  A 1 8  ? 4.533   -5.835  4.103   1.00 0.42 ? 8  DC  A H41    1 
ATOM   247 H H42    . DC  A 1 8  ? 3.289   -6.839  3.559   1.00 0.42 ? 8  DC  A H42    1 
ATOM   248 H H5     . DC  A 1 8  ? 3.177   -7.870  1.382   1.00 0.37 ? 8  DC  A H5     1 
ATOM   249 H H6     . DC  A 1 8  ? 4.390   -8.059  -0.856  1.00 0.40 ? 8  DC  A H6     1 
ATOM   250 P P      . DG  A 1 9  ? 9.748   -8.107  -4.133  1.00 0.62 ? 9  DG  A P      1 
ATOM   251 O OP1    . DG  A 1 9  ? 10.437  -7.626  -5.352  1.00 0.66 ? 9  DG  A OP1    1 
ATOM   252 O OP2    . DG  A 1 9  ? 9.648   -9.572  -3.950  1.00 0.61 ? 9  DG  A OP2    1 
ATOM   253 O "O5'"  . DG  A 1 9  ? 10.436  -7.478  -2.838  1.00 0.65 ? 9  DG  A "O5'"  1 
ATOM   254 C "C5'"  . DG  A 1 9  ? 11.226  -8.104  -1.823  1.00 0.69 ? 9  DG  A "C5'"  1 
ATOM   255 C "C4'"  . DG  A 1 9  ? 11.674  -7.042  -0.837  1.00 0.70 ? 9  DG  A "C4'"  1 
ATOM   256 O "O4'"  . DG  A 1 9  ? 10.568  -6.706  0.070   1.00 0.67 ? 9  DG  A "O4'"  1 
ATOM   257 C "C3'"  . DG  A 1 9  ? 12.780  -7.617  0.035   1.00 0.73 ? 9  DG  A "C3'"  1 
ATOM   258 O "O3'"  . DG  A 1 9  ? 13.790  -6.622  0.254   1.00 0.73 ? 9  DG  A "O3'"  1 
ATOM   259 C "C2'"  . DG  A 1 9  ? 12.022  -8.010  1.299   1.00 0.67 ? 9  DG  A "C2'"  1 
ATOM   260 C "C1'"  . DG  A 1 9  ? 11.018  -6.870  1.403   1.00 0.61 ? 9  DG  A "C1'"  1 
ATOM   261 N N9     . DG  A 1 9  ? 9.866   -7.183  2.271   1.00 0.55 ? 9  DG  A N9     1 
ATOM   262 C C8     . DG  A 1 9  ? 8.853   -8.042  2.035   1.00 0.56 ? 9  DG  A C8     1 
ATOM   263 N N7     . DG  A 1 9  ? 7.961   -8.136  2.993   1.00 0.52 ? 9  DG  A N7     1 
ATOM   264 C C5     . DG  A 1 9  ? 8.421   -7.253  3.945   1.00 0.48 ? 9  DG  A C5     1 
ATOM   265 C C6     . DG  A 1 9  ? 7.866   -6.926  5.197   1.00 0.46 ? 9  DG  A C6     1 
ATOM   266 O O6     . DG  A 1 9  ? 6.835   -7.387  5.674   1.00 0.48 ? 9  DG  A O6     1 
ATOM   267 N N1     . DG  A 1 9  ? 8.657   -5.977  5.881   1.00 0.45 ? 9  DG  A N1     1 
ATOM   268 C C2     . DG  A 1 9  ? 9.840   -5.410  5.392   1.00 0.45 ? 9  DG  A C2     1 
ATOM   269 N N2     . DG  A 1 9  ? 10.477  -4.523  6.165   1.00 0.45 ? 9  DG  A N2     1 
ATOM   270 N N3     . DG  A 1 9  ? 10.332  -5.744  4.190   1.00 0.48 ? 9  DG  A N3     1 
ATOM   271 C C4     . DG  A 1 9  ? 9.599   -6.651  3.526   1.00 0.50 ? 9  DG  A C4     1 
ATOM   272 H "H5'"  . DG  A 1 9  ? 12.119  -8.558  -2.301  1.00 0.86 ? 9  DG  A "H5'"  1 
ATOM   273 H "H5''" . DG  A 1 9  ? 10.643  -8.903  -1.313  1.00 0.66 ? 9  DG  A "H5''" 1 
ATOM   274 H "H4'"  . DG  A 1 9  ? 12.005  -6.133  -1.391  1.00 0.70 ? 9  DG  A "H4'"  1 
ATOM   275 H "H3'"  . DG  A 1 9  ? 13.251  -8.508  -0.431  1.00 0.80 ? 9  DG  A "H3'"  1 
ATOM   276 H "H2'"  . DG  A 1 9  ? 11.511  -8.975  1.132   1.00 0.70 ? 9  DG  A "H2'"  1 
ATOM   277 H "H2''" . DG  A 1 9  ? 12.658  -8.138  2.188   1.00 0.65 ? 9  DG  A "H2''" 1 
ATOM   278 H "H1'"  . DG  A 1 9  ? 11.509  -5.921  1.729   1.00 0.59 ? 9  DG  A "H1'"  1 
ATOM   279 H H8     . DG  A 1 9  ? 8.876   -8.568  1.095   1.00 0.62 ? 9  DG  A H8     1 
ATOM   280 H H1     . DG  A 1 9  ? 8.242   -5.735  6.793   1.00 0.45 ? 9  DG  A H1     1 
ATOM   281 H H21    . DG  A 1 9  ? 10.111  -4.237  7.053   1.00 0.46 ? 9  DG  A H21    1 
ATOM   282 H H22    . DG  A 1 9  ? 11.313  -4.131  5.793   1.00 0.45 ? 9  DG  A H22    1 
ATOM   283 P P      . DC  A 1 10 ? 15.107  -6.631  1.152   1.00 0.78 ? 10 DC  A P      1 
ATOM   284 O OP1    . DC  A 1 10 ? 16.293  -6.364  0.312   1.00 0.89 ? 10 DC  A OP1    1 
ATOM   285 O OP2    . DC  A 1 10 ? 15.120  -7.832  2.018   1.00 0.89 ? 10 DC  A OP2    1 
ATOM   286 O "O5'"  . DC  A 1 10 ? 14.816  -5.338  2.062   1.00 0.84 ? 10 DC  A "O5'"  1 
ATOM   287 C "C5'"  . DC  A 1 10 ? 13.784  -5.100  3.033   1.00 0.52 ? 10 DC  A "C5'"  1 
ATOM   288 C "C4'"  . DC  A 1 10 ? 14.356  -4.774  4.404   1.00 0.61 ? 10 DC  A "C4'"  1 
ATOM   289 O "O4'"  . DC  A 1 10 ? 13.385  -5.102  5.448   1.00 0.60 ? 10 DC  A "O4'"  1 
ATOM   290 C "C3'"  . DC  A 1 10 ? 15.614  -5.562  4.740   1.00 0.77 ? 10 DC  A "C3'"  1 
ATOM   291 O "O3'"  . DC  A 1 10 ? 16.331  -4.825  5.718   1.00 1.17 ? 10 DC  A "O3'"  1 
ATOM   292 C "C2'"  . DC  A 1 10 ? 15.063  -6.799  5.421   1.00 0.59 ? 10 DC  A "C2'"  1 
ATOM   293 C "C1'"  . DC  A 1 10 ? 13.799  -6.285  6.138   1.00 0.53 ? 10 DC  A "C1'"  1 
ATOM   294 N N1     . DC  A 1 10 ? 12.668  -7.269  6.188   1.00 0.47 ? 10 DC  A N1     1 
ATOM   295 C C2     . DC  A 1 10 ? 11.968  -7.440  7.421   1.00 0.52 ? 10 DC  A C2     1 
ATOM   296 O O2     . DC  A 1 10 ? 12.266  -6.811  8.448   1.00 0.64 ? 10 DC  A O2     1 
ATOM   297 N N3     . DC  A 1 10 ? 10.933  -8.343  7.462   1.00 0.49 ? 10 DC  A N3     1 
ATOM   298 C C4     . DC  A 1 10 ? 10.577  -9.052  6.381   1.00 0.48 ? 10 DC  A C4     1 
ATOM   299 N N4     . DC  A 1 10 ? 9.557   -9.924  6.464   1.00 0.55 ? 10 DC  A N4     1 
ATOM   300 C C5     . DC  A 1 10 ? 11.258  -8.902  5.134   1.00 0.51 ? 10 DC  A C5     1 
ATOM   301 C C6     . DC  A 1 10 ? 12.280  -8.017  5.082   1.00 0.47 ? 10 DC  A C6     1 
ATOM   302 H "H5'"  . DC  A 1 10 ? 13.116  -5.979  3.100   1.00 0.64 ? 10 DC  A "H5'"  1 
ATOM   303 H "H5''" . DC  A 1 10 ? 13.173  -4.237  2.695   1.00 0.77 ? 10 DC  A "H5''" 1 
ATOM   304 H "H4'"  . DC  A 1 10 ? 14.544  -3.685  4.453   1.00 0.82 ? 10 DC  A "H4'"  1 
ATOM   305 H "H3'"  . DC  A 1 10 ? 16.236  -5.798  3.856   1.00 0.93 ? 10 DC  A "H3'"  1 
ATOM   306 H "HO3'" . DC  A 1 10 ? 15.532  -4.560  6.165   1.00 1.49 ? 10 DC  A "HO3'" 1 
ATOM   307 H "H2'"  . DC  A 1 10 ? 14.833  -7.576  4.660   1.00 0.69 ? 10 DC  A "H2'"  1 
ATOM   308 H "H2''" . DC  A 1 10 ? 15.792  -7.221  6.145   1.00 0.58 ? 10 DC  A "H2''" 1 
ATOM   309 H "H1'"  . DC  A 1 10 ? 14.070  -5.920  7.153   1.00 0.62 ? 10 DC  A "H1'"  1 
ATOM   310 H H41    . DC  A 1 10 ? 9.097   -10.006 7.357   1.00 0.55 ? 10 DC  A H41    1 
ATOM   311 H H42    . DC  A 1 10 ? 9.270   -10.460 5.676   1.00 0.63 ? 10 DC  A H42    1 
ATOM   312 H H5     . DC  A 1 10 ? 10.874  -9.534  4.320   1.00 0.61 ? 10 DC  A H5     1 
ATOM   313 H H6     . DC  A 1 10 ? 12.884  -7.799  4.202   1.00 0.49 ? 10 DC  A H6     1 
ATOM   314 O "O5'"  . DG  B 2 1  ? 3.758   -9.344  16.292  1.00 1.31 ? 11 DG  B "O5'"  1 
ATOM   315 C "C5'"  . DG  B 2 1  ? 3.970   -7.938  16.376  1.00 0.85 ? 11 DG  B "C5'"  1 
ATOM   316 C "C4'"  . DG  B 2 1  ? 5.463   -7.620  16.237  1.00 0.81 ? 11 DG  B "C4'"  1 
ATOM   317 O "O4'"  . DG  B 2 1  ? 6.106   -8.545  15.284  1.00 0.79 ? 11 DG  B "O4'"  1 
ATOM   318 C "C3'"  . DG  B 2 1  ? 5.623   -6.235  15.642  1.00 0.76 ? 11 DG  B "C3'"  1 
ATOM   319 O "O3'"  . DG  B 2 1  ? 6.724   -5.549  16.254  1.00 0.82 ? 11 DG  B "O3'"  1 
ATOM   320 C "C2'"  . DG  B 2 1  ? 5.976   -6.526  14.177  1.00 0.67 ? 11 DG  B "C2'"  1 
ATOM   321 C "C1'"  . DG  B 2 1  ? 6.809   -7.782  14.322  1.00 0.69 ? 11 DG  B "C1'"  1 
ATOM   322 N N9     . DG  B 2 1  ? 6.918   -8.542  13.055  1.00 0.64 ? 11 DG  B N9     1 
ATOM   323 C C8     . DG  B 2 1  ? 6.131   -9.535  12.565  1.00 0.66 ? 11 DG  B C8     1 
ATOM   324 N N7     . DG  B 2 1  ? 6.497   -9.996  11.391  1.00 0.64 ? 11 DG  B N7     1 
ATOM   325 C C5     . DG  B 2 1  ? 7.614   -9.254  11.071  1.00 0.58 ? 11 DG  B C5     1 
ATOM   326 C C6     . DG  B 2 1  ? 8.437   -9.307  9.927   1.00 0.55 ? 11 DG  B C6     1 
ATOM   327 O O6     . DG  B 2 1  ? 8.296   -10.068 8.962   1.00 0.57 ? 11 DG  B O6     1 
ATOM   328 N N1     . DG  B 2 1  ? 9.484   -8.365  9.999   1.00 0.54 ? 11 DG  B N1     1 
ATOM   329 C C2     . DG  B 2 1  ? 9.706   -7.481  11.044  1.00 0.59 ? 11 DG  B C2     1 
ATOM   330 N N2     . DG  B 2 1  ? 10.775  -6.698  10.865  1.00 0.65 ? 11 DG  B N2     1 
ATOM   331 N N3     . DG  B 2 1  ? 8.910   -7.453  12.120  1.00 0.62 ? 11 DG  B N3     1 
ATOM   332 C C4     . DG  B 2 1  ? 7.897   -8.343  12.083  1.00 0.60 ? 11 DG  B C4     1 
ATOM   333 H "H5'"  . DG  B 2 1  ? 3.573   -7.559  17.348  1.00 0.87 ? 11 DG  B "H5'"  1 
ATOM   334 H "H5''" . DG  B 2 1  ? 3.399   -7.443  15.563  1.00 1.09 ? 11 DG  B "H5''" 1 
ATOM   335 H "H4'"  . DG  B 2 1  ? 5.971   -7.710  17.220  1.00 0.87 ? 11 DG  B "H4'"  1 
ATOM   336 H "H3'"  . DG  B 2 1  ? 4.676   -5.657  15.810  1.00 0.80 ? 11 DG  B "H3'"  1 
ATOM   337 H "H2'"  . DG  B 2 1  ? 5.104   -6.735  13.512  1.00 0.65 ? 11 DG  B "H2'"  1 
ATOM   338 H "H2''" . DG  B 2 1  ? 6.600   -5.727  13.734  1.00 0.64 ? 11 DG  B "H2''" 1 
ATOM   339 H "H1'"  . DG  B 2 1  ? 7.827   -7.543  14.715  1.00 0.71 ? 11 DG  B "H1'"  1 
ATOM   340 H H8     . DG  B 2 1  ? 5.284   -9.862  13.164  1.00 0.71 ? 11 DG  B H8     1 
ATOM   341 H H1     . DG  B 2 1  ? 10.113  -8.350  9.202   1.00 0.53 ? 11 DG  B H1     1 
ATOM   342 H H21    . DG  B 2 1  ? 11.334  -6.757  10.025  1.00 0.64 ? 11 DG  B H21    1 
ATOM   343 H H22    . DG  B 2 1  ? 10.967  -6.038  11.585  1.00 0.72 ? 11 DG  B H22    1 
ATOM   344 H "HO5'" . DG  B 2 1  ? 4.581   -9.624  15.854  1.00 1.31 ? 11 DG  B "HO5'" 1 
ATOM   345 P P      . DC  B 2 2  ? 6.827   -3.960  16.448  1.00 0.88 ? 12 DC  B P      1 
ATOM   346 O OP1    . DC  B 2 2  ? 7.600   -3.707  17.681  1.00 1.01 ? 12 DC  B OP1    1 
ATOM   347 O OP2    . DC  B 2 2  ? 5.461   -3.391  16.372  1.00 0.91 ? 12 DC  B OP2    1 
ATOM   348 O "O5'"  . DC  B 2 2  ? 7.700   -3.510  15.169  1.00 0.81 ? 12 DC  B "O5'"  1 
ATOM   349 C "C5'"  . DC  B 2 2  ? 9.149   -3.591  15.123  1.00 0.81 ? 12 DC  B "C5'"  1 
ATOM   350 C "C4'"  . DC  B 2 2  ? 9.764   -3.187  13.777  1.00 0.73 ? 12 DC  B "C4'"  1 
ATOM   351 O "O4'"  . DC  B 2 2  ? 9.399   -4.150  12.745  1.00 0.66 ? 12 DC  B "O4'"  1 
ATOM   352 C "C3'"  . DC  B 2 2  ? 9.257   -1.827  13.306  1.00 0.73 ? 12 DC  B "C3'"  1 
ATOM   353 O "O3'"  . DC  B 2 2  ? 10.329  -1.029  12.756  1.00 0.74 ? 12 DC  B "O3'"  1 
ATOM   354 C "C2'"  . DC  B 2 2  ? 8.246   -2.191  12.214  1.00 0.67 ? 12 DC  B "C2'"  1 
ATOM   355 C "C1'"  . DC  B 2 2  ? 8.948   -3.426  11.620  1.00 0.61 ? 12 DC  B "C1'"  1 
ATOM   356 N N1     . DC  B 2 2  ? 8.138   -4.357  10.774  1.00 0.57 ? 12 DC  B N1     1 
ATOM   357 C C2     . DC  B 2 2  ? 8.648   -4.719  9.488   1.00 0.57 ? 12 DC  B C2     1 
ATOM   358 O O2     . DC  B 2 2  ? 9.719   -4.280  9.041   1.00 0.62 ? 12 DC  B O2     1 
ATOM   359 N N3     . DC  B 2 2  ? 7.918   -5.588  8.722   1.00 0.54 ? 12 DC  B N3     1 
ATOM   360 C C4     . DC  B 2 2  ? 6.765   -6.082  9.135   1.00 0.52 ? 12 DC  B C4     1 
ATOM   361 N N4     . DC  B 2 2  ? 6.144   -6.913  8.294   1.00 0.50 ? 12 DC  B N4     1 
ATOM   362 C C5     . DC  B 2 2  ? 6.223   -5.750  10.417  1.00 0.53 ? 12 DC  B C5     1 
ATOM   363 C C6     . DC  B 2 2  ? 6.931   -4.905  11.190  1.00 0.55 ? 12 DC  B C6     1 
ATOM   364 H "H5'"  . DC  B 2 2  ? 9.479   -4.628  15.354  1.00 0.81 ? 12 DC  B "H5'"  1 
ATOM   365 H "H5''" . DC  B 2 2  ? 9.567   -2.907  15.895  1.00 0.89 ? 12 DC  B "H5''" 1 
ATOM   366 H "H4'"  . DC  B 2 2  ? 10.871  -3.181  13.850  1.00 0.75 ? 12 DC  B "H4'"  1 
ATOM   367 H "H3'"  . DC  B 2 2  ? 8.815   -1.299  14.181  1.00 0.79 ? 12 DC  B "H3'"  1 
ATOM   368 H "H2'"  . DC  B 2 2  ? 7.259   -2.393  12.656  1.00 0.69 ? 12 DC  B "H2'"  1 
ATOM   369 H "H2''" . DC  B 2 2  ? 8.092   -1.346  11.524  1.00 0.68 ? 12 DC  B "H2''" 1 
ATOM   370 H "H1'"  . DC  B 2 2  ? 9.873   -3.076  11.114  1.00 0.59 ? 12 DC  B "H1'"  1 
ATOM   371 H H41    . DC  B 2 2  ? 6.571   -7.102  7.398   1.00 0.51 ? 12 DC  B H41    1 
ATOM   372 H H42    . DC  B 2 2  ? 5.291   -7.325  8.502   1.00 0.50 ? 12 DC  B H42    1 
ATOM   373 H H5     . DC  B 2 2  ? 5.272   -6.193  10.712  1.00 0.54 ? 12 DC  B H5     1 
ATOM   374 H H6     . DC  B 2 2  ? 6.589   -4.612  12.176  1.00 0.57 ? 12 DC  B H6     1 
ATOM   375 P P      . DG  B 2 3  ? 10.248  0.509   12.273  1.00 0.74 ? 13 DG  B P      1 
ATOM   376 O OP1    . DG  B 2 3  ? 11.509  1.200   12.635  1.00 0.79 ? 13 DG  B OP1    1 
ATOM   377 O OP2    . DG  B 2 3  ? 8.980   1.100   12.758  1.00 0.89 ? 13 DG  B OP2    1 
ATOM   378 O "O5'"  . DG  B 2 3  ? 10.182  0.333   10.674  1.00 0.57 ? 13 DG  B "O5'"  1 
ATOM   379 C "C5'"  . DG  B 2 3  ? 11.335  -0.063  9.901   1.00 0.49 ? 13 DG  B "C5'"  1 
ATOM   380 C "C4'"  . DG  B 2 3  ? 11.091  -0.107  8.395   1.00 0.48 ? 13 DG  B "C4'"  1 
ATOM   381 O "O4'"  . DG  B 2 3  ? 10.261  -1.267  8.022   1.00 0.53 ? 13 DG  B "O4'"  1 
ATOM   382 C "C3'"  . DG  B 2 3  ? 10.325  1.124   7.892   1.00 0.56 ? 13 DG  B "C3'"  1 
ATOM   383 O "O3'"  . DG  B 2 3  ? 10.916  1.649   6.690   1.00 0.66 ? 13 DG  B "O3'"  1 
ATOM   384 C "C2'"  . DG  B 2 3  ? 8.940   0.559   7.580   1.00 0.69 ? 13 DG  B "C2'"  1 
ATOM   385 C "C1'"  . DG  B 2 3  ? 9.314   -0.823  7.055   1.00 0.62 ? 13 DG  B "C1'"  1 
ATOM   386 N N9     . DG  B 2 3  ? 8.190   -1.783  6.950   1.00 0.62 ? 13 DG  B N9     1 
ATOM   387 C C8     . DG  B 2 3  ? 7.289   -2.157  7.883   1.00 0.65 ? 13 DG  B C8     1 
ATOM   388 N N7     . DG  B 2 3  ? 6.399   -3.035  7.483   1.00 0.62 ? 13 DG  B N7     1 
ATOM   389 C C5     . DG  B 2 3  ? 6.734   -3.263  6.168   1.00 0.55 ? 13 DG  B C5     1 
ATOM   390 C C6     . DG  B 2 3  ? 6.133   -4.112  5.216   1.00 0.49 ? 13 DG  B C6     1 
ATOM   391 O O6     . DG  B 2 3  ? 5.151   -4.836  5.411   1.00 0.49 ? 13 DG  B O6     1 
ATOM   392 N N1     . DG  B 2 3  ? 6.791   -4.051  3.962   1.00 0.45 ? 13 DG  B N1     1 
ATOM   393 C C2     . DG  B 2 3  ? 7.910   -3.254  3.679   1.00 0.48 ? 13 DG  B C2     1 
ATOM   394 N N2     . DG  B 2 3  ? 8.454   -3.288  2.456   1.00 0.48 ? 13 DG  B N2     1 
ATOM   395 N N3     . DG  B 2 3  ? 8.446   -2.472  4.616   1.00 0.53 ? 13 DG  B N3     1 
ATOM   396 C C4     . DG  B 2 3  ? 7.838   -2.503  5.811   1.00 0.56 ? 13 DG  B C4     1 
ATOM   397 H "H5'"  . DG  B 2 3  ? 11.693  -1.063  10.233  1.00 0.50 ? 13 DG  B "H5'"  1 
ATOM   398 H "H5''" . DG  B 2 3  ? 12.155  0.672   10.075  1.00 0.53 ? 13 DG  B "H5''" 1 
ATOM   399 H "H4'"  . DG  B 2 3  ? 12.116  -0.190  7.957   1.00 0.48 ? 13 DG  B "H4'"  1 
ATOM   400 H "H3'"  . DG  B 2 3  ? 10.263  1.919   8.669   1.00 0.54 ? 13 DG  B "H3'"  1 
ATOM   401 H "H2'"  . DG  B 2 3  ? 8.366   0.477   8.527   1.00 0.74 ? 13 DG  B "H2'"  1 
ATOM   402 H "H2''" . DG  B 2 3  ? 8.382   1.197   6.867   1.00 0.82 ? 13 DG  B "H2''" 1 
ATOM   403 H "H1'"  . DG  B 2 3  ? 9.801   -0.757  6.048   1.00 0.62 ? 13 DG  B "H1'"  1 
ATOM   404 H H8     . DG  B 2 3  ? 7.374   -1.709  8.857   1.00 0.72 ? 13 DG  B H8     1 
ATOM   405 H H1     . DG  B 2 3  ? 6.377   -4.674  3.256   1.00 0.41 ? 13 DG  B H1     1 
ATOM   406 H H21    . DG  B 2 3  ? 8.081   -3.876  1.728   1.00 0.47 ? 13 DG  B H21    1 
ATOM   407 H H22    . DG  B 2 3  ? 9.228   -2.668  2.388   1.00 0.51 ? 13 DG  B H22    1 
ATOM   408 P P      . DT  B 2 4  ? 10.690  3.088   6.005   1.00 0.77 ? 14 DT  B P      1 
ATOM   409 O OP1    . DT  B 2 4  ? 11.954  3.853   6.063   1.00 0.93 ? 14 DT  B OP1    1 
ATOM   410 O OP2    . DT  B 2 4  ? 9.472   3.709   6.568   1.00 1.06 ? 14 DT  B OP2    1 
ATOM   411 O "O5'"  . DT  B 2 4  ? 10.413  2.690   4.483   1.00 0.57 ? 14 DT  B "O5'"  1 
ATOM   412 C "C5'"  . DT  B 2 4  ? 11.194  1.782   3.681   1.00 0.60 ? 14 DT  B "C5'"  1 
ATOM   413 C "C4'"  . DT  B 2 4  ? 10.332  0.967   2.725   1.00 0.62 ? 14 DT  B "C4'"  1 
ATOM   414 O "O4'"  . DT  B 2 4  ? 9.283   0.256   3.451   1.00 0.54 ? 14 DT  B "O4'"  1 
ATOM   415 C "C3'"  . DT  B 2 4  ? 9.624   1.846   1.690   1.00 0.71 ? 14 DT  B "C3'"  1 
ATOM   416 O "O3'"  . DT  B 2 4  ? 9.634   1.206   0.395   1.00 0.83 ? 14 DT  B "O3'"  1 
ATOM   417 C "C2'"  . DT  B 2 4  ? 8.177   1.875   2.265   1.00 0.62 ? 14 DT  B "C2'"  1 
ATOM   418 C "C1'"  . DT  B 2 4  ? 8.119   0.408   2.680   1.00 0.52 ? 14 DT  B "C1'"  1 
ATOM   419 N N1     . DT  B 2 4  ? 6.900   0.016   3.432   1.00 0.44 ? 14 DT  B N1     1 
ATOM   420 C C2     . DT  B 2 4  ? 6.030   -0.863  2.773   1.00 0.39 ? 14 DT  B C2     1 
ATOM   421 O O2     . DT  B 2 4  ? 6.222   -1.306  1.637   1.00 0.43 ? 14 DT  B O2     1 
ATOM   422 N N3     . DT  B 2 4  ? 4.903   -1.211  3.485   1.00 0.35 ? 14 DT  B N3     1 
ATOM   423 C C4     . DT  B 2 4  ? 4.546   -0.791  4.776   1.00 0.35 ? 14 DT  B C4     1 
ATOM   424 O O4     . DT  B 2 4  ? 3.488   -1.201  5.270   1.00 0.36 ? 14 DT  B O4     1 
ATOM   425 C C5     . DT  B 2 4  ? 5.500   0.130   5.419   1.00 0.39 ? 14 DT  B C5     1 
ATOM   426 C C7     . DT  B 2 4  ? 5.215   0.630   6.777   1.00 0.43 ? 14 DT  B C7     1 
ATOM   427 C C6     . DT  B 2 4  ? 6.617   0.482   4.721   1.00 0.43 ? 14 DT  B C6     1 
ATOM   428 H "H5'"  . DT  B 2 4  ? 11.748  1.062   4.326   1.00 0.60 ? 14 DT  B "H5'"  1 
ATOM   429 H "H5''" . DT  B 2 4  ? 11.932  2.361   3.086   1.00 0.69 ? 14 DT  B "H5''" 1 
ATOM   430 H "H4'"  . DT  B 2 4  ? 10.955  0.208   2.245   1.00 0.68 ? 14 DT  B "H4'"  1 
ATOM   431 H "H3'"  . DT  B 2 4  ? 10.202  2.805   1.615   1.00 0.78 ? 14 DT  B "H3'"  1 
ATOM   432 H "H2'"  . DT  B 2 4  ? 8.117   2.504   3.178   1.00 0.59 ? 14 DT  B "H2'"  1 
ATOM   433 H "H2''" . DT  B 2 4  ? 7.365   2.184   1.562   1.00 0.66 ? 14 DT  B "H2''" 1 
ATOM   434 H "H1'"  . DT  B 2 4  ? 8.285   -0.267  1.808   1.00 0.57 ? 14 DT  B "H1'"  1 
ATOM   435 H H3     . DT  B 2 4  ? 4.255   -1.848  3.021   1.00 0.35 ? 14 DT  B H3     1 
ATOM   436 H H71    . DT  B 2 4  ? 4.826   -0.174  7.433   1.00 1.02 ? 14 DT  B H71    1 
ATOM   437 H H72    . DT  B 2 4  ? 6.114   1.050   7.272   1.00 1.15 ? 14 DT  B H72    1 
ATOM   438 H H73    . DT  B 2 4  ? 4.458   1.439   6.749   1.00 1.14 ? 14 DT  B H73    1 
ATOM   439 H H6     . DT  B 2 4  ? 7.416   1.147   5.062   1.00 0.48 ? 14 DT  B H6     1 
ATOM   440 P P      . DT  B 2 5  ? 8.823   1.473   -0.972  1.00 0.89 ? 15 DT  B P      1 
ATOM   441 O OP1    . DT  B 2 5  ? 9.814   1.494   -2.070  1.00 1.10 ? 15 DT  B OP1    1 
ATOM   442 O OP2    . DT  B 2 5  ? 7.965   2.671   -0.822  1.00 0.90 ? 15 DT  B OP2    1 
ATOM   443 O "O5'"  . DT  B 2 5  ? 7.890   0.170   -1.148  1.00 0.73 ? 15 DT  B "O5'"  1 
ATOM   444 C "C5'"  . DT  B 2 5  ? 8.292   -1.150  -1.599  1.00 0.75 ? 15 DT  B "C5'"  1 
ATOM   445 C "C4'"  . DT  B 2 5  ? 7.187   -1.951  -2.319  1.00 0.64 ? 15 DT  B "C4'"  1 
ATOM   446 O "O4'"  . DT  B 2 5  ? 5.996   -2.045  -1.473  1.00 0.53 ? 15 DT  B "O4'"  1 
ATOM   447 C "C3'"  . DT  B 2 5  ? 6.757   -1.329  -3.644  1.00 0.62 ? 15 DT  B "C3'"  1 
ATOM   448 O "O3'"  . DT  B 2 5  ? 6.703   -2.330  -4.681  1.00 0.61 ? 15 DT  B "O3'"  1 
ATOM   449 C "C2'"  . DT  B 2 5  ? 5.346   -0.779  -3.370  1.00 0.61 ? 15 DT  B "C2'"  1 
ATOM   450 C "C1'"  . DT  B 2 5  ? 4.843   -1.681  -2.206  1.00 0.52 ? 15 DT  B "C1'"  1 
ATOM   451 N N1     . DT  B 2 5  ? 3.906   -1.002  -1.252  1.00 0.43 ? 15 DT  B N1     1 
ATOM   452 C C2     . DT  B 2 5  ? 2.540   -1.356  -1.320  1.00 0.38 ? 15 DT  B C2     1 
ATOM   453 O O2     . DT  B 2 5  ? 2.055   -2.173  -2.107  1.00 0.39 ? 15 DT  B O2     1 
ATOM   454 N N3     . DT  B 2 5  ? 1.727   -0.708  -0.411  1.00 0.33 ? 15 DT  B N3     1 
ATOM   455 C C4     . DT  B 2 5  ? 2.112   0.252   0.551   1.00 0.35 ? 15 DT  B C4     1 
ATOM   456 O O4     . DT  B 2 5  ? 1.279   0.764   1.304   1.00 0.36 ? 15 DT  B O4     1 
ATOM   457 C C5     . DT  B 2 5  ? 3.536   0.573   0.574   1.00 0.40 ? 15 DT  B C5     1 
ATOM   458 C C7     . DT  B 2 5  ? 4.032   1.578   1.550   1.00 0.44 ? 15 DT  B C7     1 
ATOM   459 C C6     . DT  B 2 5  ? 4.350   -0.051  -0.307  1.00 0.44 ? 15 DT  B C6     1 
ATOM   460 H "H5'"  . DT  B 2 5  ? 8.611   -1.745  -0.714  1.00 0.77 ? 15 DT  B "H5'"  1 
ATOM   461 H "H5''" . DT  B 2 5  ? 9.158   -1.071  -2.296  1.00 0.85 ? 15 DT  B "H5''" 1 
ATOM   462 H "H4'"  . DT  B 2 5  ? 7.556   -2.987  -2.492  1.00 0.68 ? 15 DT  B "H4'"  1 
ATOM   463 H "H3'"  . DT  B 2 5  ? 7.497   -0.543  -3.926  1.00 0.65 ? 15 DT  B "H3'"  1 
ATOM   464 H "H2'"  . DT  B 2 5  ? 5.374   0.300   -3.155  1.00 0.62 ? 15 DT  B "H2'"  1 
ATOM   465 H "H2''" . DT  B 2 5  ? 4.714   -0.796  -4.275  1.00 0.68 ? 15 DT  B "H2''" 1 
ATOM   466 H "H1'"  . DT  B 2 5  ? 4.456   -2.679  -2.557  1.00 0.52 ? 15 DT  B "H1'"  1 
ATOM   467 H H3     . DT  B 2 5  ? 0.758   -0.963  -0.486  1.00 0.31 ? 15 DT  B H3     1 
ATOM   468 H H71    . DT  B 2 5  ? 3.223   1.980   2.179   1.00 0.97 ? 15 DT  B H71    1 
ATOM   469 H H72    . DT  B 2 5  ? 4.800   1.179   2.229   1.00 1.13 ? 15 DT  B H72    1 
ATOM   470 H H73    . DT  B 2 5  ? 4.505   2.428   1.020   1.00 1.17 ? 15 DT  B H73    1 
ATOM   471 H H6     . DT  B 2 5  ? 5.424   0.143   -0.325  1.00 0.49 ? 15 DT  B H6     1 
ATOM   472 P P      . DA  B 2 6  ? 6.531   -2.090  -6.262  1.00 0.67 ? 16 DA  B P      1 
ATOM   473 O OP1    . DA  B 2 6  ? 7.198   -3.180  -7.007  1.00 0.83 ? 16 DA  B OP1    1 
ATOM   474 O OP2    . DA  B 2 6  ? 6.930   -0.698  -6.574  1.00 0.92 ? 16 DA  B OP2    1 
ATOM   475 O "O5'"  . DA  B 2 6  ? 4.936   -2.233  -6.454  1.00 0.54 ? 16 DA  B "O5'"  1 
ATOM   476 C "C5'"  . DA  B 2 6  ? 4.121   -3.397  -6.195  1.00 0.54 ? 16 DA  B "C5'"  1 
ATOM   477 C "C4'"  . DA  B 2 6  ? 2.630   -3.180  -6.464  1.00 0.36 ? 16 DA  B "C4'"  1 
ATOM   478 O "O4'"  . DA  B 2 6  ? 2.038   -2.391  -5.389  1.00 0.53 ? 16 DA  B "O4'"  1 
ATOM   479 C "C3'"  . DA  B 2 6  ? 2.382   -2.399  -7.752  1.00 0.40 ? 16 DA  B "C3'"  1 
ATOM   480 O "O3'"  . DA  B 2 6  ? 1.320   -3.005  -8.515  1.00 0.58 ? 16 DA  B "O3'"  1 
ATOM   481 C "C2'"  . DA  B 2 6  ? 1.997   -1.025  -7.221  1.00 0.50 ? 16 DA  B "C2'"  1 
ATOM   482 C "C1'"  . DA  B 2 6  ? 1.201   -1.418  -5.970  1.00 0.47 ? 16 DA  B "C1'"  1 
ATOM   483 N N9     . DA  B 2 6  ? 0.993   -0.356  -4.948  1.00 0.44 ? 16 DA  B N9     1 
ATOM   484 C C8     . DA  B 2 6  ? 1.750   0.762   -4.724  1.00 0.48 ? 16 DA  B C8     1 
ATOM   485 N N7     . DA  B 2 6  ? 1.422   1.450   -3.651  1.00 0.45 ? 16 DA  B N7     1 
ATOM   486 C C5     . DA  B 2 6  ? 0.374   0.732   -3.116  1.00 0.37 ? 16 DA  B C5     1 
ATOM   487 C C6     . DA  B 2 6  ? -0.364  0.944   -1.931  1.00 0.33 ? 16 DA  B C6     1 
ATOM   488 N N6     . DA  B 2 6  ? -0.125  1.993   -1.112  1.00 0.36 ? 16 DA  B N6     1 
ATOM   489 N N1     . DA  B 2 6  ? -1.281  0.003   -1.618  1.00 0.30 ? 16 DA  B N1     1 
ATOM   490 C C2     . DA  B 2 6  ? -1.486  -1.034  -2.434  1.00 0.29 ? 16 DA  B C2     1 
ATOM   491 N N3     . DA  B 2 6  ? -0.883  -1.313  -3.590  1.00 0.32 ? 16 DA  B N3     1 
ATOM   492 C C4     . DA  B 2 6  ? 0.080   -0.391  -3.870  1.00 0.36 ? 16 DA  B C4     1 
ATOM   493 H "H5'"  . DA  B 2 6  ? 4.236   -3.695  -5.129  1.00 0.95 ? 16 DA  B "H5'"  1 
ATOM   494 H "H5''" . DA  B 2 6  ? 4.465   -4.225  -6.850  1.00 0.95 ? 16 DA  B "H5''" 1 
ATOM   495 H "H4'"  . DA  B 2 6  ? 2.117   -4.161  -6.485  1.00 0.43 ? 16 DA  B "H4'"  1 
ATOM   496 H "H3'"  . DA  B 2 6  ? 3.292   -2.319  -8.382  1.00 0.36 ? 16 DA  B "H3'"  1 
ATOM   497 H "H2'"  . DA  B 2 6  ? 2.921   -0.478  -6.952  1.00 0.50 ? 16 DA  B "H2'"  1 
ATOM   498 H "H2''" . DA  B 2 6  ? 1.490   -0.455  -8.004  1.00 0.67 ? 16 DA  B "H2''" 1 
ATOM   499 H "H1'"  . DA  B 2 6  ? 0.234   -1.908  -6.243  1.00 0.48 ? 16 DA  B "H1'"  1 
ATOM   500 H H8     . DA  B 2 6  ? 2.536   1.023   -5.433  1.00 0.56 ? 16 DA  B H8     1 
ATOM   501 H H61    . DA  B 2 6  ? -0.480  1.907   -0.177  1.00 0.44 ? 16 DA  B H61    1 
ATOM   502 H H62    . DA  B 2 6  ? 0.595   2.634   -1.361  1.00 0.38 ? 16 DA  B H62    1 
ATOM   503 H H2     . DA  B 2 6  ? -2.253  -1.730  -2.089  1.00 0.29 ? 16 DA  B H2     1 
ATOM   504 P P      . DT  B 2 7  ? 0.631   -2.610  -9.915  1.00 0.73 ? 17 DT  B P      1 
ATOM   505 O OP1    . DT  B 2 7  ? 0.867   -3.674  -10.915 1.00 1.06 ? 17 DT  B OP1    1 
ATOM   506 O OP2    . DT  B 2 7  ? 1.014   -1.229  -10.280 1.00 1.14 ? 17 DT  B OP2    1 
ATOM   507 O "O5'"  . DT  B 2 7  ? -0.916  -2.634  -9.508  1.00 0.46 ? 17 DT  B "O5'"  1 
ATOM   508 C "C5'"  . DT  B 2 7  ? -1.666  -3.634  -8.791  1.00 0.49 ? 17 DT  B "C5'"  1 
ATOM   509 C "C4'"  . DT  B 2 7  ? -2.933  -3.044  -8.169  1.00 0.60 ? 17 DT  B "C4'"  1 
ATOM   510 O "O4'"  . DT  B 2 7  ? -2.573  -2.008  -7.183  1.00 0.57 ? 17 DT  B "O4'"  1 
ATOM   511 C "C3'"  . DT  B 2 7  ? -3.782  -2.326  -9.232  1.00 0.73 ? 17 DT  B "C3'"  1 
ATOM   512 O "O3'"  . DT  B 2 7  ? -5.191  -2.609  -9.102  1.00 0.91 ? 17 DT  B "O3'"  1 
ATOM   513 C "C2'"  . DT  B 2 7  ? -3.484  -0.864  -8.948  1.00 0.77 ? 17 DT  B "C2'"  1 
ATOM   514 C "C1'"  . DT  B 2 7  ? -3.452  -0.927  -7.398  1.00 0.65 ? 17 DT  B "C1'"  1 
ATOM   515 N N1     . DT  B 2 7  ? -3.010  0.260   -6.581  1.00 0.55 ? 17 DT  B N1     1 
ATOM   516 C C2     . DT  B 2 7  ? -3.737  0.525   -5.378  1.00 0.48 ? 17 DT  B C2     1 
ATOM   517 O O2     . DT  B 2 7  ? -4.701  -0.130  -4.962  1.00 0.51 ? 17 DT  B O2     1 
ATOM   518 N N3     . DT  B 2 7  ? -3.276  1.621   -4.659  1.00 0.39 ? 17 DT  B N3     1 
ATOM   519 C C4     . DT  B 2 7  ? -2.208  2.480   -4.977  1.00 0.42 ? 17 DT  B C4     1 
ATOM   520 O O4     . DT  B 2 7  ? -1.905  3.425   -4.245  1.00 0.41 ? 17 DT  B O4     1 
ATOM   521 C C5     . DT  B 2 7  ? -1.510  2.149   -6.211  1.00 0.51 ? 17 DT  B C5     1 
ATOM   522 C C7     . DT  B 2 7  ? -0.357  2.986   -6.654  1.00 0.59 ? 17 DT  B C7     1 
ATOM   523 C C6     . DT  B 2 7  ? -1.930  1.092   -6.929  1.00 0.56 ? 17 DT  B C6     1 
ATOM   524 H "H5'"  . DT  B 2 7  ? -1.048  -4.069  -7.970  1.00 0.49 ? 17 DT  B "H5'"  1 
ATOM   525 H "H5''" . DT  B 2 7  ? -1.950  -4.450  -9.488  1.00 0.57 ? 17 DT  B "H5''" 1 
ATOM   526 H "H4'"  . DT  B 2 7  ? -3.503  -3.843  -7.649  1.00 0.68 ? 17 DT  B "H4'"  1 
ATOM   527 H "H3'"  . DT  B 2 7  ? -3.423  -2.531  -10.263 1.00 0.69 ? 17 DT  B "H3'"  1 
ATOM   528 H "H2'"  . DT  B 2 7  ? -2.530  -0.763  -9.492  1.00 0.73 ? 17 DT  B "H2'"  1 
ATOM   529 H "H2''" . DT  B 2 7  ? -4.160  -0.156  -9.454  1.00 1.00 ? 17 DT  B "H2''" 1 
ATOM   530 H "H1'"  . DT  B 2 7  ? -4.418  -1.333  -6.995  1.00 0.73 ? 17 DT  B "H1'"  1 
ATOM   531 H H3     . DT  B 2 7  ? -3.775  1.843   -3.808  1.00 0.35 ? 17 DT  B H3     1 
ATOM   532 H H71    . DT  B 2 7  ? -0.156  3.799   -5.941  1.00 1.04 ? 17 DT  B H71    1 
ATOM   533 H H72    . DT  B 2 7  ? 0.566   2.385   -6.762  1.00 1.07 ? 17 DT  B H72    1 
ATOM   534 H H73    . DT  B 2 7  ? -0.581  3.436   -7.637  1.00 1.27 ? 17 DT  B H73    1 
ATOM   535 H H6     . DT  B 2 7  ? -1.393  0.890   -7.836  1.00 0.65 ? 17 DT  B H6     1 
ATOM   536 P P      . DG  B 2 8  ? -6.264  -2.580  -10.298 1.00 1.03 ? 18 DG  B P      1 
ATOM   537 O OP1    . DG  B 2 8  ? -6.311  -3.900  -10.967 1.00 1.28 ? 18 DG  B OP1    1 
ATOM   538 O OP2    . DG  B 2 8  ? -6.008  -1.377  -11.122 1.00 1.23 ? 18 DG  B OP2    1 
ATOM   539 O "O5'"  . DG  B 2 8  ? -7.637  -2.334  -9.521  1.00 0.73 ? 18 DG  B "O5'"  1 
ATOM   540 C "C5'"  . DG  B 2 8  ? -8.285  -3.191  -8.565  1.00 0.67 ? 18 DG  B "C5'"  1 
ATOM   541 C "C4'"  . DG  B 2 8  ? -9.216  -2.415  -7.635  1.00 0.51 ? 18 DG  B "C4'"  1 
ATOM   542 O "O4'"  . DG  B 2 8  ? -8.462  -1.387  -6.928  1.00 0.47 ? 18 DG  B "O4'"  1 
ATOM   543 C "C3'"  . DG  B 2 8  ? -10.327 -1.690  -8.390  1.00 0.47 ? 18 DG  B "C3'"  1 
ATOM   544 O "O3'"  . DG  B 2 8  ? -11.561 -1.826  -7.676  1.00 0.48 ? 18 DG  B "O3'"  1 
ATOM   545 C "C2'"  . DG  B 2 8  ? -9.856  -0.243  -8.458  1.00 0.48 ? 18 DG  B "C2'"  1 
ATOM   546 C "C1'"  . DG  B 2 8  ? -9.053  -0.111  -7.150  1.00 0.42 ? 18 DG  B "C1'"  1 
ATOM   547 N N9     . DG  B 2 8  ? -7.917  0.838   -7.191  1.00 0.37 ? 18 DG  B N9     1 
ATOM   548 C C8     . DG  B 2 8  ? -6.944  0.915   -8.127  1.00 0.37 ? 18 DG  B C8     1 
ATOM   549 N N7     . DG  B 2 8  ? -6.039  1.851   -7.907  1.00 0.32 ? 18 DG  B N7     1 
ATOM   550 C C5     . DG  B 2 8  ? -6.450  2.433   -6.724  1.00 0.27 ? 18 DG  B C5     1 
ATOM   551 C C6     . DG  B 2 8  ? -5.874  3.487   -5.999  1.00 0.22 ? 18 DG  B C6     1 
ATOM   552 O O6     . DG  B 2 8  ? -4.850  4.099   -6.316  1.00 0.20 ? 18 DG  B O6     1 
ATOM   553 N N1     . DG  B 2 8  ? -6.602  3.797   -4.831  1.00 0.23 ? 18 DG  B N1     1 
ATOM   554 C C2     . DG  B 2 8  ? -7.772  3.139   -4.412  1.00 0.28 ? 18 DG  B C2     1 
ATOM   555 N N2     . DG  B 2 8  ? -8.360  3.542   -3.275  1.00 0.32 ? 18 DG  B N2     1 
ATOM   556 N N3     . DG  B 2 8  ? -8.288  2.137   -5.134  1.00 0.31 ? 18 DG  B N3     1 
ATOM   557 C C4     . DG  B 2 8  ? -7.606  1.827   -6.255  1.00 0.31 ? 18 DG  B C4     1 
ATOM   558 H "H5'"  . DG  B 2 8  ? -7.525  -3.708  -7.935  1.00 0.74 ? 18 DG  B "H5'"  1 
ATOM   559 H "H5''" . DG  B 2 8  ? -8.874  -3.962  -9.108  1.00 0.81 ? 18 DG  B "H5''" 1 
ATOM   560 H "H4'"  . DG  B 2 8  ? -9.629  -3.125  -6.887  1.00 0.58 ? 18 DG  B "H4'"  1 
ATOM   561 H "H3'"  . DG  B 2 8  ? -10.443 -2.094  -9.419  1.00 0.54 ? 18 DG  B "H3'"  1 
ATOM   562 H "H2'"  . DG  B 2 8  ? -9.324  -0.176  -9.407  1.00 0.55 ? 18 DG  B "H2'"  1 
ATOM   563 H "H2''" . DG  B 2 8  ? -10.636 0.527   -8.560  1.00 0.55 ? 18 DG  B "H2''" 1 
ATOM   564 H "H1'"  . DG  B 2 8  ? -9.718  0.051   -6.264  1.00 0.47 ? 18 DG  B "H1'"  1 
ATOM   565 H H8     . DG  B 2 8  ? -7.020  0.214   -8.953  1.00 0.44 ? 18 DG  B H8     1 
ATOM   566 H H1     . DG  B 2 8  ? -6.179  4.566   -4.298  1.00 0.22 ? 18 DG  B H1     1 
ATOM   567 H H21    . DG  B 2 8  ? -7.974  4.295   -2.724  1.00 0.32 ? 18 DG  B H21    1 
ATOM   568 H H22    . DG  B 2 8  ? -9.186  3.031   -3.048  1.00 0.37 ? 18 DG  B H22    1 
ATOM   569 P P      . DC  B 2 9  ? -12.910 -0.967  -7.726  1.00 0.51 ? 19 DC  B P      1 
ATOM   570 O OP1    . DC  B 2 9  ? -13.972 -1.779  -7.094  1.00 0.61 ? 19 DC  B OP1    1 
ATOM   571 O OP2    . DC  B 2 9  ? -13.142 -0.488  -9.109  1.00 0.53 ? 19 DC  B OP2    1 
ATOM   572 O "O5'"  . DC  B 2 9  ? -12.565 0.271   -6.749  1.00 0.48 ? 19 DC  B "O5'"  1 
ATOM   573 C "C5'"  . DC  B 2 9  ? -12.608 0.268   -5.300  1.00 0.51 ? 19 DC  B "C5'"  1 
ATOM   574 C "C4'"  . DC  B 2 9  ? -12.852 1.654   -4.695  1.00 0.54 ? 19 DC  B "C4'"  1 
ATOM   575 O "O4'"  . DC  B 2 9  ? -11.666 2.474   -4.827  1.00 0.47 ? 19 DC  B "O4'"  1 
ATOM   576 C "C3'"  . DC  B 2 9  ? -13.984 2.382   -5.380  1.00 0.64 ? 19 DC  B "C3'"  1 
ATOM   577 O "O3'"  . DC  B 2 9  ? -14.967 2.855   -4.442  1.00 0.74 ? 19 DC  B "O3'"  1 
ATOM   578 C "C2'"  . DC  B 2 9  ? -13.314 3.541   -6.100  1.00 0.54 ? 19 DC  B "C2'"  1 
ATOM   579 C "C1'"  . DC  B 2 9  ? -12.031 3.753   -5.310  1.00 0.45 ? 19 DC  B "C1'"  1 
ATOM   580 N N1     . DC  B 2 9  ? -10.862 4.247   -6.098  1.00 0.40 ? 19 DC  B N1     1 
ATOM   581 C C2     . DC  B 2 9  ? -10.183 5.438   -5.689  1.00 0.40 ? 19 DC  B C2     1 
ATOM   582 O O2     . DC  B 2 9  ? -10.537 6.097   -4.699  1.00 0.46 ? 19 DC  B O2     1 
ATOM   583 N N3     . DC  B 2 9  ? -9.095  5.869   -6.421  1.00 0.37 ? 19 DC  B N3     1 
ATOM   584 C C4     . DC  B 2 9  ? -8.685  5.174   -7.503  1.00 0.34 ? 19 DC  B C4     1 
ATOM   585 N N4     . DC  B 2 9  ? -7.624  5.591   -8.220  1.00 0.35 ? 19 DC  B N4     1 
ATOM   586 C C5     . DC  B 2 9  ? -9.352  3.980   -7.921  1.00 0.36 ? 19 DC  B C5     1 
ATOM   587 C C6     . DC  B 2 9  ? -10.404 3.562   -7.212  1.00 0.39 ? 19 DC  B C6     1 
ATOM   588 H "H5'"  . DC  B 2 9  ? -11.647 -0.135  -4.903  1.00 0.50 ? 19 DC  B "H5'"  1 
ATOM   589 H "H5''" . DC  B 2 9  ? -13.434 -0.394  -4.955  1.00 0.62 ? 19 DC  B "H5''" 1 
ATOM   590 H "H4'"  . DC  B 2 9  ? -13.077 1.594   -3.620  1.00 0.62 ? 19 DC  B "H4'"  1 
ATOM   591 H "H3'"  . DC  B 2 9  ? -14.451 1.669   -6.082  1.00 0.77 ? 19 DC  B "H3'"  1 
ATOM   592 H "H2'"  . DC  B 2 9  ? -13.120 3.275   -7.149  1.00 0.65 ? 19 DC  B "H2'"  1 
ATOM   593 H "H2''" . DC  B 2 9  ? -13.955 4.434   -6.031  1.00 0.56 ? 19 DC  B "H2''" 1 
ATOM   594 H "H1'"  . DC  B 2 9  ? -12.279 4.362   -4.418  1.00 0.49 ? 19 DC  B "H1'"  1 
ATOM   595 H H41    . DC  B 2 9  ? -7.128  6.423   -7.975  1.00 0.36 ? 19 DC  B H41    1 
ATOM   596 H H42    . DC  B 2 9  ? -7.334  5.072   -9.009  1.00 0.36 ? 19 DC  B H42    1 
ATOM   597 H H5     . DC  B 2 9  ? -9.008  3.429   -8.793  1.00 0.39 ? 19 DC  B H5     1 
ATOM   598 H H6     . DC  B 2 9  ? -10.930 2.656   -7.499  1.00 0.43 ? 19 DC  B H6     1 
ATOM   599 P P      . DG  B 2 10 ? -16.544 3.024   -4.734  1.00 1.04 ? 20 DG  B P      1 
ATOM   600 O OP1    . DG  B 2 10 ? -17.342 2.330   -3.703  1.00 1.71 ? 20 DG  B OP1    1 
ATOM   601 O OP2    . DG  B 2 10 ? -16.836 2.753   -6.154  1.00 1.59 ? 20 DG  B OP2    1 
ATOM   602 O "O5'"  . DG  B 2 10 ? -16.719 4.589   -4.523  1.00 0.73 ? 20 DG  B "O5'"  1 
ATOM   603 C "C5'"  . DG  B 2 10 ? -16.303 5.487   -3.503  1.00 0.77 ? 20 DG  B "C5'"  1 
ATOM   604 C "C4'"  . DG  B 2 10 ? -15.964 6.819   -4.144  1.00 0.87 ? 20 DG  B "C4'"  1 
ATOM   605 O "O4'"  . DG  B 2 10 ? -14.741 6.717   -4.919  1.00 0.72 ? 20 DG  B "O4'"  1 
ATOM   606 C "C3'"  . DG  B 2 10 ? -17.009 7.226   -5.187  1.00 1.01 ? 20 DG  B "C3'"  1 
ATOM   607 O "O3'"  . DG  B 2 10 ? -17.927 8.141   -4.605  1.00 1.43 ? 20 DG  B "O3'"  1 
ATOM   608 C "C2'"  . DG  B 2 10 ? -16.208 7.899   -6.325  1.00 0.82 ? 20 DG  B "C2'"  1 
ATOM   609 C "C1'"  . DG  B 2 10 ? -14.755 7.767   -5.869  1.00 0.76 ? 20 DG  B "C1'"  1 
ATOM   610 N N9     . DG  B 2 10 ? -13.827 7.410   -6.950  1.00 0.66 ? 20 DG  B N9     1 
ATOM   611 C C8     . DG  B 2 10 ? -13.979 6.489   -7.939  1.00 0.62 ? 20 DG  B C8     1 
ATOM   612 N N7     . DG  B 2 10 ? -12.961 6.410   -8.766  1.00 0.56 ? 20 DG  B N7     1 
ATOM   613 C C5     . DG  B 2 10 ? -12.066 7.342   -8.285  1.00 0.55 ? 20 DG  B C5     1 
ATOM   614 C C6     . DG  B 2 10 ? -10.797 7.696   -8.769  1.00 0.52 ? 20 DG  B C6     1 
ATOM   615 O O6     . DG  B 2 10 ? -10.235 7.201   -9.754  1.00 0.52 ? 20 DG  B O6     1 
ATOM   616 N N1     . DG  B 2 10 ? -10.200 8.707   -7.986  1.00 0.56 ? 20 DG  B N1     1 
ATOM   617 C C2     . DG  B 2 10 ? -10.767 9.303   -6.870  1.00 0.62 ? 20 DG  B C2     1 
ATOM   618 N N2     . DG  B 2 10 ? -10.003 10.241  -6.297  1.00 0.67 ? 20 DG  B N2     1 
ATOM   619 N N3     . DG  B 2 10 ? -11.981 8.955   -6.429  1.00 0.65 ? 20 DG  B N3     1 
ATOM   620 C C4     . DG  B 2 10 ? -12.576 7.981   -7.159  1.00 0.61 ? 20 DG  B C4     1 
ATOM   621 H "H5'"  . DG  B 2 10 ? -15.422 5.087   -2.946  1.00 0.79 ? 20 DG  B "H5'"  1 
ATOM   622 H "H5''" . DG  B 2 10 ? -17.140 5.619   -2.783  1.00 0.87 ? 20 DG  B "H5''" 1 
ATOM   623 H "H4'"  . DG  B 2 10 ? -15.823 7.573   -3.347  1.00 1.08 ? 20 DG  B "H4'"  1 
ATOM   624 H "H3'"  . DG  B 2 10 ? -17.605 6.375   -5.578  1.00 1.10 ? 20 DG  B "H3'"  1 
ATOM   625 H "HO3'" . DG  B 2 10 ? -18.385 7.619   -3.944  1.00 1.68 ? 20 DG  B "HO3'" 1 
ATOM   626 H "H2'"  . DG  B 2 10 ? -16.360 7.455   -7.339  1.00 0.85 ? 20 DG  B "H2'"  1 
ATOM   627 H "H2''" . DG  B 2 10 ? -16.455 8.971   -6.396  1.00 0.84 ? 20 DG  B "H2''" 1 
ATOM   628 H "H1'"  . DG  B 2 10 ? -14.432 8.694   -5.357  1.00 0.85 ? 20 DG  B "H1'"  1 
ATOM   629 H H8     . DG  B 2 10 ? -14.913 5.921   -7.972  1.00 0.67 ? 20 DG  B H8     1 
ATOM   630 H H1     . DG  B 2 10 ? -9.281  9.005   -8.287  1.00 0.56 ? 20 DG  B H1     1 
ATOM   631 H H21    . DG  B 2 10 ? -9.095  10.469  -6.673  1.00 0.67 ? 20 DG  B H21    1 
ATOM   632 H H22    . DG  B 2 10 ? -10.377 10.693  -5.492  1.00 0.74 ? 20 DG  B H22    1 
# 
